data_7X8J
#
_entry.id   7X8J
#
_cell.length_a   44.519
_cell.length_b   146.862
_cell.length_c   70.860
_cell.angle_alpha   90.000
_cell.angle_beta   100.460
_cell.angle_gamma   90.000
#
_symmetry.space_group_name_H-M   'P 1 21 1'
#
loop_
_entity.id
_entity.type
_entity.pdbx_description
1 polymer 'Mannose-1-phosphate guanylyltransferase 1'
2 non-polymer 'SULFATE ION'
3 water water
#
_entity_poly.entity_id   1
_entity_poly.type   'polypeptide(L)'
_entity_poly.pdbx_seq_one_letter_code
;MGMKALILVGGFGTRLRPLTLSFPKPLVDFANKPMILHQIEALKAVGVDEVVLAINYQPEVMLNFLKDFETKLEIKITCS
QETEPLGTAGPLALARDKLLDGSGEPFFVLNSDVISEYPLKEMLEFHKSHGGEASIMVTKVDEPSKYGVVVMEESTGRVE
KFVEKPKLYVGNKINAGIYLLNPSVLDKIELRPTSIEKETFPKIAAAQGLYAMVLPGFWMDIGQPRDYITGLRLYLDSLR
KKSPAKLTSGPHIVGNVLVDETATIGEGCLIGPDVAIGPGCIVESGVRLSRCTVMRGVRIKKHACISSSIIGWHSTVGQW
ARIENMTILGEDVHVSDEIYSNGGVVLPHKEIKSNILKPEIVMKLAAALEHHHHHH
;
_entity_poly.pdbx_strand_id   A,B
#
loop_
_chem_comp.id
_chem_comp.type
_chem_comp.name
_chem_comp.formula
SO4 non-polymer 'SULFATE ION' 'O4 S -2'
#
# COMPACT_ATOMS: atom_id res chain seq x y z
N MET A 3 0.14 19.10 49.99
CA MET A 3 -0.02 17.70 49.60
C MET A 3 1.00 17.32 48.53
N LYS A 4 1.76 16.24 48.78
CA LYS A 4 2.83 15.83 47.89
C LYS A 4 2.39 14.65 47.03
N ALA A 5 3.13 14.43 45.94
CA ALA A 5 2.81 13.38 44.99
C ALA A 5 4.08 12.84 44.35
N LEU A 6 4.02 11.58 43.91
CA LEU A 6 5.13 10.89 43.29
C LEU A 6 4.63 10.25 41.99
N ILE A 7 5.44 10.35 40.94
CA ILE A 7 5.09 9.79 39.64
C ILE A 7 6.18 8.78 39.26
N LEU A 8 5.80 7.51 39.21
CA LEU A 8 6.74 6.43 38.93
C LEU A 8 7.02 6.37 37.43
N VAL A 9 8.21 6.78 37.02
CA VAL A 9 8.62 6.77 35.63
C VAL A 9 9.51 5.58 35.31
N GLY A 10 10.53 5.35 36.13
CA GLY A 10 11.48 4.30 35.85
C GLY A 10 12.40 4.66 34.71
N GLY A 11 12.66 3.71 33.80
CA GLY A 11 13.55 3.96 32.69
C GLY A 11 12.95 4.91 31.68
N PHE A 12 13.78 5.29 30.70
CA PHE A 12 13.34 6.20 29.65
C PHE A 12 12.21 5.61 28.81
N GLY A 13 12.06 4.29 28.80
CA GLY A 13 10.98 3.66 28.08
C GLY A 13 11.41 3.08 26.74
N THR A 14 12.02 1.89 26.77
CA THR A 14 12.37 1.21 25.53
C THR A 14 11.13 0.88 24.71
N ARG A 15 10.08 0.37 25.36
CA ARG A 15 8.87 -0.10 24.68
C ARG A 15 8.21 0.97 23.81
N LEU A 16 8.59 2.25 23.95
CA LEU A 16 8.03 3.30 23.13
C LEU A 16 9.05 3.87 22.14
N ARG A 17 10.15 3.15 21.91
CA ARG A 17 11.10 3.58 20.90
C ARG A 17 10.44 3.55 19.52
N PRO A 18 10.85 4.43 18.60
CA PRO A 18 11.91 5.44 18.73
C PRO A 18 11.41 6.79 19.24
N LEU A 19 10.14 6.89 19.65
CA LEU A 19 9.63 8.15 20.17
C LEU A 19 10.40 8.59 21.41
N THR A 20 10.72 7.65 22.29
CA THR A 20 11.45 7.94 23.52
C THR A 20 12.93 8.22 23.28
N LEU A 21 13.46 7.91 22.09
CA LEU A 21 14.85 8.23 21.79
C LEU A 21 15.08 9.74 21.68
N SER A 22 14.02 10.51 21.47
CA SER A 22 14.11 11.96 21.43
C SER A 22 13.69 12.62 22.73
N PHE A 23 12.61 12.14 23.37
CA PHE A 23 12.13 12.68 24.62
C PHE A 23 11.66 11.52 25.48
N PRO A 24 12.11 11.43 26.73
CA PRO A 24 11.78 10.28 27.57
C PRO A 24 10.29 10.15 27.83
N LYS A 25 9.93 9.02 28.44
CA LYS A 25 8.54 8.59 28.55
C LYS A 25 7.57 9.65 29.07
N PRO A 26 7.86 10.40 30.15
CA PRO A 26 6.83 11.33 30.67
C PRO A 26 6.61 12.55 29.79
N LEU A 27 7.43 12.77 28.75
CA LEU A 27 7.24 13.90 27.85
C LEU A 27 6.70 13.48 26.49
N VAL A 28 6.54 12.19 26.23
CA VAL A 28 5.93 11.76 24.97
C VAL A 28 4.49 12.22 24.94
N ASP A 29 4.09 12.77 23.79
CA ASP A 29 2.75 13.33 23.67
C ASP A 29 1.69 12.24 23.64
N PHE A 30 0.59 12.49 24.34
CA PHE A 30 -0.61 11.68 24.26
C PHE A 30 -1.80 12.63 24.19
N ALA A 31 -2.52 12.60 23.07
CA ALA A 31 -3.65 13.49 22.84
C ALA A 31 -3.21 14.96 22.92
N ASN A 32 -2.17 15.28 22.15
CA ASN A 32 -1.61 16.61 21.97
C ASN A 32 -0.95 17.17 23.23
N LYS A 33 -0.94 16.44 24.34
CA LYS A 33 -0.29 16.89 25.56
C LYS A 33 0.74 15.85 26.01
N PRO A 34 1.87 16.28 26.55
CA PRO A 34 2.81 15.32 27.16
C PRO A 34 2.15 14.60 28.32
N MET A 35 2.44 13.30 28.45
CA MET A 35 1.80 12.50 29.49
C MET A 35 1.93 13.12 30.86
N ILE A 36 3.00 13.88 31.11
CA ILE A 36 3.20 14.50 32.41
C ILE A 36 2.10 15.53 32.69
N LEU A 37 1.59 16.19 31.64
CA LEU A 37 0.58 17.23 31.84
C LEU A 37 -0.73 16.64 32.35
N HIS A 38 -1.19 15.55 31.70
CA HIS A 38 -2.44 14.91 32.10
C HIS A 38 -2.44 14.59 33.59
N GLN A 39 -1.30 14.17 34.13
CA GLN A 39 -1.25 13.76 35.52
C GLN A 39 -1.12 14.97 36.45
N ILE A 40 -0.23 15.90 36.12
CA ILE A 40 0.00 17.06 36.98
C ILE A 40 -1.25 17.92 37.06
N GLU A 41 -1.93 18.11 35.93
CA GLU A 41 -3.21 18.82 35.95
C GLU A 41 -4.17 18.16 36.93
N ALA A 42 -4.20 16.82 36.94
CA ALA A 42 -5.08 16.11 37.87
C ALA A 42 -4.59 16.25 39.30
N LEU A 43 -3.29 16.13 39.52
CA LEU A 43 -2.75 16.24 40.87
C LEU A 43 -2.94 17.64 41.43
N LYS A 44 -2.79 18.67 40.60
CA LYS A 44 -3.01 20.04 41.04
C LYS A 44 -4.46 20.27 41.46
N ALA A 45 -5.40 19.56 40.82
CA ALA A 45 -6.83 19.76 41.09
C ALA A 45 -7.26 19.23 42.45
N VAL A 46 -6.39 18.51 43.16
CA VAL A 46 -6.69 18.03 44.50
C VAL A 46 -5.85 18.74 45.56
N GLY A 47 -5.06 19.73 45.16
CA GLY A 47 -4.24 20.47 46.08
C GLY A 47 -2.82 19.97 46.25
N VAL A 48 -2.23 19.36 45.23
CA VAL A 48 -0.85 18.92 45.28
C VAL A 48 0.04 20.07 44.83
N ASP A 49 1.00 20.43 45.68
CA ASP A 49 1.91 21.54 45.37
C ASP A 49 3.32 21.07 44.98
N GLU A 50 3.65 19.81 45.16
CA GLU A 50 4.96 19.30 44.77
C GLU A 50 4.83 17.88 44.25
N VAL A 51 5.42 17.64 43.08
CA VAL A 51 5.37 16.35 42.40
C VAL A 51 6.79 15.89 42.13
N VAL A 52 7.17 14.76 42.72
CA VAL A 52 8.49 14.19 42.53
C VAL A 52 8.42 13.19 41.39
N LEU A 53 9.38 13.30 40.45
CA LEU A 53 9.46 12.40 39.32
C LEU A 53 10.56 11.38 39.59
N ALA A 54 10.16 10.12 39.76
CA ALA A 54 11.11 9.03 40.01
C ALA A 54 11.55 8.45 38.68
N ILE A 55 12.72 8.84 38.21
CA ILE A 55 13.22 8.43 36.90
C ILE A 55 14.50 7.62 37.07
N ASN A 56 14.82 6.84 36.04
CA ASN A 56 16.04 6.05 36.00
C ASN A 56 17.12 6.71 35.16
N TYR A 57 16.76 7.59 34.24
CA TYR A 57 17.71 8.28 33.38
C TYR A 57 18.12 9.61 33.99
N GLN A 58 19.09 10.25 33.36
CA GLN A 58 19.55 11.55 33.81
C GLN A 58 18.53 12.62 33.40
N PRO A 59 17.90 13.31 34.36
CA PRO A 59 16.81 14.23 34.02
C PRO A 59 17.24 15.57 33.44
N GLU A 60 18.54 15.79 33.21
CA GLU A 60 18.98 17.04 32.63
C GLU A 60 18.43 17.26 31.22
N VAL A 61 18.04 16.19 30.54
CA VAL A 61 17.52 16.31 29.18
C VAL A 61 16.17 17.01 29.15
N MET A 62 15.45 17.01 30.28
CA MET A 62 14.10 17.59 30.34
C MET A 62 14.03 18.77 31.30
N LEU A 63 15.16 19.42 31.58
CA LEU A 63 15.15 20.53 32.52
C LEU A 63 14.55 21.79 31.91
N ASN A 64 14.70 21.98 30.60
CA ASN A 64 14.15 23.17 29.96
C ASN A 64 12.64 23.10 29.86
N PHE A 65 12.09 21.90 29.61
CA PHE A 65 10.65 21.78 29.48
C PHE A 65 9.95 21.96 30.83
N LEU A 66 10.47 21.31 31.87
CA LEU A 66 9.82 21.37 33.18
C LEU A 66 9.88 22.76 33.79
N LYS A 67 10.90 23.55 33.43
CA LYS A 67 10.98 24.93 33.89
C LYS A 67 9.73 25.71 33.49
N ASP A 68 9.35 25.60 32.22
CA ASP A 68 8.17 26.32 31.74
C ASP A 68 6.88 25.73 32.31
N PHE A 69 6.82 24.40 32.43
CA PHE A 69 5.61 23.77 32.97
C PHE A 69 5.38 24.11 34.43
N GLU A 70 6.45 24.34 35.19
CA GLU A 70 6.31 24.69 36.59
C GLU A 70 5.71 26.09 36.77
N THR A 71 6.08 27.02 35.89
CA THR A 71 5.54 28.37 35.98
C THR A 71 4.11 28.44 35.50
N LYS A 72 3.79 27.79 34.37
CA LYS A 72 2.44 27.88 33.82
C LYS A 72 1.44 27.13 34.70
N LEU A 73 1.83 26.00 35.26
CA LEU A 73 0.95 25.21 36.11
C LEU A 73 1.04 25.58 37.58
N GLU A 74 2.04 26.37 37.98
CA GLU A 74 2.20 26.83 39.35
C GLU A 74 2.30 25.64 40.32
N ILE A 75 3.29 24.80 40.08
CA ILE A 75 3.51 23.59 40.88
C ILE A 75 4.98 23.24 40.83
N LYS A 76 5.48 22.68 41.93
CA LYS A 76 6.88 22.31 42.06
C LYS A 76 7.11 20.90 41.54
N ILE A 77 8.09 20.76 40.65
CA ILE A 77 8.45 19.47 40.07
C ILE A 77 9.92 19.22 40.40
N THR A 78 10.17 18.19 41.21
CA THR A 78 11.52 17.83 41.62
C THR A 78 11.85 16.44 41.08
N CYS A 79 13.02 16.32 40.48
CA CYS A 79 13.48 15.04 39.95
C CYS A 79 14.16 14.23 41.04
N SER A 80 14.01 12.90 40.95
CA SER A 80 14.65 11.98 41.90
C SER A 80 15.21 10.80 41.10
N GLN A 81 16.44 10.94 40.63
CA GLN A 81 17.07 9.92 39.79
C GLN A 81 17.63 8.79 40.65
N GLU A 82 17.51 7.57 40.15
CA GLU A 82 18.05 6.38 40.80
C GLU A 82 19.23 5.86 40.00
N THR A 83 20.21 5.32 40.72
CA THR A 83 21.39 4.74 40.07
C THR A 83 21.04 3.42 39.41
N GLU A 84 20.64 2.41 40.21
CA GLU A 84 20.14 1.16 39.66
C GLU A 84 18.62 1.11 39.77
N PRO A 85 17.94 0.34 38.91
CA PRO A 85 16.48 0.30 38.95
C PRO A 85 15.96 -0.19 40.30
N LEU A 86 15.22 0.67 40.98
CA LEU A 86 14.67 0.37 42.30
C LEU A 86 13.25 -0.17 42.25
N GLY A 87 12.69 -0.39 41.07
CA GLY A 87 11.35 -0.92 40.97
C GLY A 87 10.28 0.15 41.14
N THR A 88 9.16 -0.26 41.72
CA THR A 88 8.02 0.63 41.92
C THR A 88 7.85 1.05 43.37
N ALA A 89 8.48 0.36 44.32
CA ALA A 89 8.48 0.77 45.72
C ALA A 89 9.79 1.36 46.16
N GLY A 90 10.91 0.87 45.63
CA GLY A 90 12.22 1.41 45.91
C GLY A 90 12.31 2.92 45.83
N PRO A 91 11.87 3.51 44.71
CA PRO A 91 11.93 4.97 44.61
C PRO A 91 11.15 5.70 45.69
N LEU A 92 10.12 5.08 46.27
CA LEU A 92 9.42 5.72 47.38
C LEU A 92 10.34 5.94 48.57
N ALA A 93 11.33 5.07 48.75
CA ALA A 93 12.29 5.25 49.84
C ALA A 93 13.39 6.22 49.45
N LEU A 94 13.83 6.18 48.19
CA LEU A 94 14.89 7.08 47.73
C LEU A 94 14.47 8.54 47.84
N ALA A 95 13.19 8.83 47.61
CA ALA A 95 12.65 10.18 47.73
C ALA A 95 11.74 10.32 48.94
N ARG A 96 12.07 9.63 50.03
CA ARG A 96 11.25 9.73 51.24
C ARG A 96 11.40 11.09 51.90
N ASP A 97 12.56 11.73 51.75
CA ASP A 97 12.77 13.05 52.35
C ASP A 97 11.93 14.11 51.66
N LYS A 98 11.74 13.99 50.35
CA LYS A 98 10.94 14.95 49.59
C LYS A 98 9.44 14.68 49.69
N LEU A 99 9.03 13.52 50.19
CA LEU A 99 7.62 13.19 50.32
C LEU A 99 7.06 13.46 51.71
N LEU A 100 7.89 13.37 52.75
CA LEU A 100 7.46 13.64 54.12
C LEU A 100 7.55 15.13 54.39
N ASP A 101 6.43 15.74 54.74
CA ASP A 101 6.37 17.15 55.07
C ASP A 101 6.00 17.41 56.53
N GLY A 102 5.81 16.36 57.33
CA GLY A 102 5.48 16.50 58.72
C GLY A 102 3.99 16.54 59.04
N SER A 103 3.14 16.88 58.07
CA SER A 103 1.71 16.96 58.34
C SER A 103 1.05 15.60 58.50
N GLY A 104 1.82 14.52 58.38
CA GLY A 104 1.24 13.19 58.42
C GLY A 104 0.18 12.92 57.37
N GLU A 105 0.07 13.78 56.35
CA GLU A 105 -0.94 13.61 55.32
C GLU A 105 -0.49 12.57 54.29
N PRO A 106 -1.43 11.83 53.69
CA PRO A 106 -1.04 10.86 52.66
C PRO A 106 -0.59 11.53 51.37
N PHE A 107 0.25 10.82 50.62
CA PHE A 107 0.78 11.32 49.36
C PHE A 107 0.34 10.41 48.21
N PHE A 108 0.24 11.02 47.02
CA PHE A 108 -0.19 10.31 45.82
C PHE A 108 1.00 9.69 45.10
N VAL A 109 0.79 8.51 44.53
CA VAL A 109 1.75 7.85 43.66
C VAL A 109 1.03 7.46 42.38
N LEU A 110 1.63 7.76 41.24
CA LEU A 110 1.02 7.47 39.95
C LEU A 110 2.01 6.77 39.02
N ASN A 111 1.52 5.78 38.29
CA ASN A 111 2.24 5.22 37.16
C ASN A 111 2.28 6.25 36.03
N SER A 112 3.47 6.57 35.55
CA SER A 112 3.63 7.62 34.54
C SER A 112 2.94 7.30 33.22
N ASP A 113 2.57 6.04 32.99
CA ASP A 113 1.99 5.63 31.72
C ASP A 113 0.50 5.34 31.81
N VAL A 114 -0.15 5.69 32.92
CA VAL A 114 -1.56 5.41 33.13
C VAL A 114 -2.38 6.63 32.75
N ILE A 115 -3.35 6.43 31.86
CA ILE A 115 -4.29 7.47 31.47
C ILE A 115 -5.67 7.07 32.00
N SER A 116 -6.36 8.02 32.62
CA SER A 116 -7.69 7.80 33.18
C SER A 116 -8.35 9.14 33.38
N GLU A 117 -9.48 9.15 34.08
CA GLU A 117 -10.13 10.39 34.46
C GLU A 117 -9.61 10.95 35.77
N TYR A 118 -8.84 10.17 36.52
CA TYR A 118 -8.20 10.56 37.77
C TYR A 118 -9.22 11.12 38.75
N PRO A 119 -10.04 10.28 39.38
CA PRO A 119 -10.93 10.74 40.45
C PRO A 119 -10.18 10.89 41.78
N LEU A 120 -9.19 11.78 41.78
CA LEU A 120 -8.34 11.94 42.95
C LEU A 120 -9.10 12.54 44.13
N LYS A 121 -10.05 13.44 43.87
CA LYS A 121 -10.88 13.95 44.94
C LYS A 121 -11.73 12.84 45.55
N GLU A 122 -12.37 12.03 44.71
CA GLU A 122 -13.15 10.90 45.18
C GLU A 122 -12.30 9.87 45.90
N MET A 123 -11.00 9.81 45.59
CA MET A 123 -10.13 8.85 46.27
C MET A 123 -9.65 9.37 47.61
N LEU A 124 -9.50 10.69 47.75
CA LEU A 124 -9.14 11.27 49.03
C LEU A 124 -10.17 10.94 50.09
N GLU A 125 -11.45 11.10 49.76
CA GLU A 125 -12.51 10.81 50.73
C GLU A 125 -12.62 9.31 50.99
N PHE A 126 -12.32 8.49 49.98
CA PHE A 126 -12.29 7.04 50.20
C PHE A 126 -11.21 6.67 51.21
N HIS A 127 -10.00 7.19 51.01
CA HIS A 127 -8.87 6.80 51.87
C HIS A 127 -9.07 7.25 53.31
N LYS A 128 -9.67 8.43 53.52
CA LYS A 128 -9.88 8.92 54.86
C LYS A 128 -11.05 8.25 55.57
N SER A 129 -11.97 7.63 54.83
CA SER A 129 -13.12 7.01 55.45
C SER A 129 -12.72 5.75 56.21
N HIS A 130 -12.03 4.81 55.55
CA HIS A 130 -11.65 3.56 56.19
C HIS A 130 -10.42 3.70 57.09
N GLY A 131 -9.71 4.83 57.01
CA GLY A 131 -8.59 5.08 57.91
C GLY A 131 -7.46 4.06 57.81
N GLY A 132 -7.31 3.42 56.66
CA GLY A 132 -6.27 2.43 56.48
C GLY A 132 -4.92 3.04 56.16
N GLU A 133 -3.92 2.17 56.05
CA GLU A 133 -2.56 2.64 55.81
C GLU A 133 -2.38 3.09 54.35
N ALA A 134 -3.02 2.41 53.40
CA ALA A 134 -2.81 2.70 52.00
C ALA A 134 -4.08 2.37 51.21
N SER A 135 -4.35 3.18 50.19
CA SER A 135 -5.44 2.95 49.25
C SER A 135 -4.86 2.87 47.84
N ILE A 136 -5.37 1.94 47.04
CA ILE A 136 -4.99 1.83 45.64
C ILE A 136 -6.25 1.85 44.80
N MET A 137 -6.10 2.26 43.54
CA MET A 137 -7.21 2.22 42.59
C MET A 137 -7.18 0.91 41.82
N VAL A 138 -8.37 0.39 41.54
CA VAL A 138 -8.54 -0.92 40.91
C VAL A 138 -9.43 -0.76 39.68
N THR A 139 -9.12 -1.50 38.63
CA THR A 139 -9.87 -1.43 37.38
C THR A 139 -9.95 -2.83 36.78
N LYS A 140 -11.07 -3.10 36.10
CA LYS A 140 -11.35 -4.42 35.55
C LYS A 140 -10.84 -4.55 34.13
N VAL A 141 -10.32 -5.74 33.79
CA VAL A 141 -9.77 -6.01 32.47
C VAL A 141 -10.31 -7.35 31.96
N ASP A 142 -10.04 -7.62 30.68
CA ASP A 142 -10.54 -8.82 30.01
C ASP A 142 -9.58 -9.99 30.10
N GLU A 143 -8.29 -9.74 30.28
CA GLU A 143 -7.28 -10.80 30.40
C GLU A 143 -6.56 -10.66 31.74
N PRO A 144 -7.25 -10.92 32.84
CA PRO A 144 -6.59 -10.80 34.16
C PRO A 144 -5.48 -11.82 34.38
N SER A 145 -5.38 -12.85 33.54
CA SER A 145 -4.29 -13.82 33.65
C SER A 145 -2.94 -13.22 33.28
N LYS A 146 -2.92 -12.07 32.62
CA LYS A 146 -1.68 -11.40 32.25
C LYS A 146 -1.25 -10.36 33.27
N TYR A 147 -2.01 -10.17 34.34
CA TYR A 147 -1.72 -9.16 35.35
C TYR A 147 -1.67 -9.82 36.72
N GLY A 148 -1.50 -8.99 37.74
CA GLY A 148 -1.66 -9.42 39.11
C GLY A 148 -3.03 -9.05 39.61
N VAL A 149 -3.88 -10.04 39.85
CA VAL A 149 -5.28 -9.80 40.17
C VAL A 149 -5.43 -9.56 41.67
N VAL A 150 -6.26 -8.57 42.01
CA VAL A 150 -6.54 -8.23 43.39
C VAL A 150 -7.65 -9.13 43.91
N VAL A 151 -7.45 -9.69 45.10
CA VAL A 151 -8.48 -10.45 45.80
C VAL A 151 -8.87 -9.62 47.02
N MET A 152 -9.98 -8.90 46.90
CA MET A 152 -10.40 -7.93 47.91
C MET A 152 -11.75 -8.31 48.50
N GLU A 153 -11.89 -8.11 49.81
CA GLU A 153 -13.18 -8.23 50.47
C GLU A 153 -14.13 -7.18 49.92
N GLU A 154 -14.89 -7.53 48.87
CA GLU A 154 -15.68 -6.55 48.12
C GLU A 154 -16.75 -5.89 48.98
N SER A 155 -17.15 -6.49 50.10
CA SER A 155 -18.09 -5.84 50.99
C SER A 155 -17.46 -4.64 51.69
N THR A 156 -16.16 -4.69 51.96
CA THR A 156 -15.45 -3.63 52.65
C THR A 156 -14.41 -2.93 51.80
N GLY A 157 -13.82 -3.61 50.83
CA GLY A 157 -12.73 -3.08 50.05
C GLY A 157 -11.36 -3.49 50.52
N ARG A 158 -11.27 -4.19 51.65
CA ARG A 158 -9.98 -4.62 52.18
C ARG A 158 -9.37 -5.69 51.29
N VAL A 159 -8.10 -5.52 50.94
CA VAL A 159 -7.41 -6.44 50.05
C VAL A 159 -6.81 -7.57 50.86
N GLU A 160 -7.05 -8.81 50.42
CA GLU A 160 -6.46 -9.97 51.07
C GLU A 160 -5.07 -10.26 50.53
N LYS A 161 -4.94 -10.41 49.21
CA LYS A 161 -3.67 -10.77 48.61
C LYS A 161 -3.70 -10.41 47.13
N PHE A 162 -2.51 -10.41 46.52
CA PHE A 162 -2.34 -10.23 45.09
C PHE A 162 -1.94 -11.57 44.47
N VAL A 163 -2.63 -11.96 43.40
CA VAL A 163 -2.35 -13.20 42.70
C VAL A 163 -1.71 -12.82 41.37
N GLU A 164 -0.44 -13.15 41.21
CA GLU A 164 0.30 -12.78 40.01
C GLU A 164 0.02 -13.77 38.90
N LYS A 165 -0.53 -13.28 37.78
CA LYS A 165 -0.78 -14.06 36.57
C LYS A 165 -1.57 -15.32 36.87
N PRO A 166 -2.84 -15.22 37.28
CA PRO A 166 -3.59 -16.42 37.67
C PRO A 166 -3.99 -17.24 36.45
N LYS A 167 -3.50 -18.48 36.39
CA LYS A 167 -3.95 -19.39 35.35
C LYS A 167 -5.43 -19.71 35.51
N LEU A 168 -5.92 -19.76 36.74
CA LEU A 168 -7.33 -19.95 37.03
C LEU A 168 -7.94 -18.64 37.51
N TYR A 169 -9.18 -18.40 37.10
CA TYR A 169 -9.84 -17.14 37.40
C TYR A 169 -10.06 -16.98 38.89
N VAL A 170 -9.57 -15.87 39.44
CA VAL A 170 -9.84 -15.46 40.81
C VAL A 170 -10.43 -14.05 40.87
N GLY A 171 -10.71 -13.46 39.72
CA GLY A 171 -11.19 -12.10 39.63
C GLY A 171 -10.63 -11.41 38.41
N ASN A 172 -11.10 -10.19 38.13
CA ASN A 172 -10.62 -9.43 36.98
C ASN A 172 -10.21 -8.00 37.35
N LYS A 173 -10.08 -7.69 38.63
CA LYS A 173 -9.67 -6.36 39.07
C LYS A 173 -8.16 -6.33 39.28
N ILE A 174 -7.48 -5.41 38.58
CA ILE A 174 -6.02 -5.34 38.63
C ILE A 174 -5.59 -3.99 39.19
N ASN A 175 -4.27 -3.82 39.34
CA ASN A 175 -3.69 -2.59 39.86
C ASN A 175 -3.80 -1.48 38.83
N ALA A 176 -4.55 -0.42 39.15
CA ALA A 176 -4.75 0.68 38.23
C ALA A 176 -3.65 1.73 38.28
N GLY A 177 -2.63 1.53 39.12
CA GLY A 177 -1.48 2.41 39.13
C GLY A 177 -1.65 3.70 39.86
N ILE A 178 -2.77 3.91 40.55
CA ILE A 178 -3.01 5.13 41.32
C ILE A 178 -3.02 4.75 42.79
N TYR A 179 -2.07 5.29 43.55
CA TYR A 179 -1.92 4.96 44.96
C TYR A 179 -2.13 6.19 45.82
N LEU A 180 -2.61 5.96 47.04
CA LEU A 180 -2.71 6.99 48.07
C LEU A 180 -2.18 6.37 49.36
N LEU A 181 -0.96 6.74 49.74
CA LEU A 181 -0.23 6.07 50.81
C LEU A 181 -0.01 7.03 51.98
N ASN A 182 -0.23 6.53 53.20
CA ASN A 182 0.14 7.29 54.38
C ASN A 182 1.66 7.28 54.54
N PRO A 183 2.21 8.25 55.27
CA PRO A 183 3.67 8.27 55.48
C PRO A 183 4.22 6.99 56.07
N SER A 184 3.43 6.27 56.88
CA SER A 184 3.92 5.06 57.54
C SER A 184 4.34 3.98 56.55
N VAL A 185 3.82 4.03 55.31
CA VAL A 185 4.22 3.04 54.31
C VAL A 185 5.70 3.16 53.99
N LEU A 186 6.24 4.38 53.98
CA LEU A 186 7.65 4.59 53.69
C LEU A 186 8.58 3.94 54.70
N ASP A 187 8.06 3.48 55.84
CA ASP A 187 8.86 2.74 56.81
C ASP A 187 8.91 1.25 56.51
N LYS A 188 8.15 0.80 55.51
CA LYS A 188 8.12 -0.60 55.10
C LYS A 188 8.88 -0.84 53.81
N ILE A 189 9.65 0.14 53.34
CA ILE A 189 10.41 0.03 52.11
C ILE A 189 11.87 0.36 52.42
N GLU A 190 12.77 -0.56 52.09
CA GLU A 190 14.20 -0.31 52.20
C GLU A 190 14.72 0.30 50.91
N LEU A 191 15.88 0.94 50.99
CA LEU A 191 16.51 1.56 49.83
C LEU A 191 17.22 0.50 48.99
N ARG A 192 16.40 -0.41 48.46
CA ARG A 192 16.85 -1.50 47.59
C ARG A 192 15.81 -1.66 46.49
N PRO A 193 16.09 -2.41 45.44
CA PRO A 193 15.02 -2.74 44.48
C PRO A 193 13.90 -3.54 45.11
N THR A 194 12.74 -2.91 45.34
CA THR A 194 11.56 -3.61 45.84
C THR A 194 10.34 -3.21 45.02
N SER A 195 9.41 -4.16 44.88
CA SER A 195 8.17 -3.97 44.14
C SER A 195 7.04 -3.66 45.10
N ILE A 196 6.25 -2.63 44.79
CA ILE A 196 5.20 -2.21 45.71
C ILE A 196 4.04 -3.19 45.70
N GLU A 197 3.79 -3.84 44.56
CA GLU A 197 2.65 -4.74 44.45
C GLU A 197 2.95 -6.11 45.04
N LYS A 198 4.19 -6.59 44.90
CA LYS A 198 4.53 -7.94 45.33
C LYS A 198 5.31 -8.00 46.63
N GLU A 199 5.91 -6.89 47.08
CA GLU A 199 6.65 -6.84 48.33
C GLU A 199 6.02 -5.93 49.36
N THR A 200 5.65 -4.70 48.97
CA THR A 200 5.15 -3.74 49.95
C THR A 200 3.67 -3.98 50.26
N PHE A 201 2.86 -4.25 49.24
CA PHE A 201 1.44 -4.48 49.48
C PHE A 201 1.17 -5.70 50.35
N PRO A 202 1.82 -6.86 50.15
CA PRO A 202 1.60 -7.97 51.11
C PRO A 202 1.88 -7.61 52.56
N LYS A 203 2.87 -6.74 52.82
CA LYS A 203 3.09 -6.28 54.19
C LYS A 203 1.85 -5.57 54.72
N ILE A 204 1.30 -4.64 53.94
CA ILE A 204 0.12 -3.90 54.37
C ILE A 204 -1.12 -4.78 54.30
N ALA A 205 -1.14 -5.76 53.39
CA ALA A 205 -2.28 -6.66 53.32
C ALA A 205 -2.33 -7.59 54.54
N ALA A 206 -1.18 -7.86 55.17
CA ALA A 206 -1.17 -8.66 56.38
C ALA A 206 -1.67 -7.87 57.57
N ALA A 207 -1.28 -6.60 57.69
CA ALA A 207 -1.74 -5.74 58.76
C ALA A 207 -3.17 -5.25 58.56
N GLN A 208 -3.86 -5.74 57.53
CA GLN A 208 -5.25 -5.37 57.25
C GLN A 208 -5.39 -3.86 57.05
N GLY A 209 -4.43 -3.26 56.37
CA GLY A 209 -4.44 -1.82 56.14
C GLY A 209 -4.40 -1.43 54.68
N LEU A 210 -4.75 -2.35 53.80
CA LEU A 210 -4.77 -2.11 52.36
C LEU A 210 -6.21 -2.14 51.87
N TYR A 211 -6.63 -1.07 51.21
CA TYR A 211 -7.99 -0.94 50.70
C TYR A 211 -7.96 -0.61 49.22
N ALA A 212 -8.93 -1.14 48.48
CA ALA A 212 -8.98 -0.98 47.03
C ALA A 212 -10.29 -0.30 46.63
N MET A 213 -10.17 0.69 45.74
CA MET A 213 -11.31 1.42 45.21
C MET A 213 -11.41 1.19 43.71
N VAL A 214 -12.59 0.78 43.26
CA VAL A 214 -12.80 0.53 41.84
C VAL A 214 -12.78 1.86 41.09
N LEU A 215 -12.04 1.89 39.98
CA LEU A 215 -11.87 3.10 39.21
C LEU A 215 -13.07 3.35 38.30
N PRO A 216 -13.85 4.40 38.56
CA PRO A 216 -14.96 4.74 37.66
C PRO A 216 -14.45 5.51 36.45
N GLY A 217 -14.53 4.89 35.28
CA GLY A 217 -14.12 5.51 34.04
C GLY A 217 -13.17 4.61 33.27
N PHE A 218 -12.58 5.17 32.23
CA PHE A 218 -11.65 4.42 31.40
C PHE A 218 -10.28 4.33 32.07
N TRP A 219 -9.49 3.35 31.61
CA TRP A 219 -8.15 3.14 32.12
C TRP A 219 -7.32 2.47 31.04
N MET A 220 -6.04 2.85 30.96
CA MET A 220 -5.12 2.22 30.02
C MET A 220 -3.69 2.58 30.41
N ASP A 221 -2.79 1.60 30.31
CA ASP A 221 -1.36 1.80 30.47
C ASP A 221 -0.78 1.88 29.06
N ILE A 222 -0.47 3.11 28.62
CA ILE A 222 -0.03 3.35 27.25
C ILE A 222 1.48 3.16 27.14
N GLY A 223 2.03 2.29 27.99
CA GLY A 223 3.47 2.08 27.99
C GLY A 223 4.01 1.48 26.71
N GLN A 224 3.19 0.72 25.99
CA GLN A 224 3.59 0.09 24.75
C GLN A 224 2.70 0.57 23.60
N PRO A 225 3.16 0.45 22.35
CA PRO A 225 2.44 1.12 21.24
C PRO A 225 1.02 0.61 21.01
N ARG A 226 0.80 -0.70 21.13
CA ARG A 226 -0.54 -1.23 20.92
C ARG A 226 -1.53 -0.66 21.92
N ASP A 227 -1.15 -0.62 23.20
CA ASP A 227 -2.03 -0.05 24.21
C ASP A 227 -2.08 1.47 24.13
N TYR A 228 -1.14 2.10 23.42
CA TYR A 228 -1.19 3.54 23.23
C TYR A 228 -2.35 3.93 22.33
N ILE A 229 -2.53 3.23 21.21
CA ILE A 229 -3.66 3.51 20.33
C ILE A 229 -4.97 3.18 21.03
N THR A 230 -5.01 2.08 21.78
CA THR A 230 -6.21 1.75 22.54
C THR A 230 -6.54 2.85 23.55
N GLY A 231 -5.52 3.34 24.26
CA GLY A 231 -5.76 4.38 25.24
C GLY A 231 -6.25 5.68 24.63
N LEU A 232 -5.82 5.97 23.40
CA LEU A 232 -6.29 7.17 22.73
C LEU A 232 -7.78 7.08 22.41
N ARG A 233 -8.24 5.90 21.98
CA ARG A 233 -9.66 5.72 21.69
C ARG A 233 -10.50 5.87 22.95
N LEU A 234 -10.11 5.18 24.03
CA LEU A 234 -10.84 5.30 25.29
C LEU A 234 -10.84 6.73 25.81
N TYR A 235 -9.71 7.43 25.68
CA TYR A 235 -9.64 8.82 26.13
C TYR A 235 -10.52 9.73 25.29
N LEU A 236 -10.52 9.54 23.97
CA LEU A 236 -11.32 10.40 23.10
C LEU A 236 -12.81 10.18 23.33
N ASP A 237 -13.23 8.93 23.55
CA ASP A 237 -14.63 8.67 23.86
C ASP A 237 -15.02 9.23 25.21
N SER A 238 -14.06 9.35 26.13
CA SER A 238 -14.32 10.04 27.39
C SER A 238 -14.63 11.51 27.16
N LEU A 239 -13.89 12.15 26.26
CA LEU A 239 -14.23 13.52 25.87
C LEU A 239 -15.61 13.58 25.22
N ARG A 240 -15.96 12.56 24.43
CA ARG A 240 -17.29 12.49 23.84
C ARG A 240 -18.37 12.45 24.92
N LYS A 241 -18.11 11.70 25.99
CA LYS A 241 -19.10 11.59 27.07
C LYS A 241 -19.05 12.75 28.04
N LYS A 242 -17.88 13.36 28.24
CA LYS A 242 -17.71 14.41 29.25
C LYS A 242 -17.83 15.81 28.67
N SER A 243 -16.97 16.16 27.72
CA SER A 243 -16.93 17.52 27.15
C SER A 243 -16.77 17.43 25.64
N PRO A 244 -17.86 17.19 24.91
CA PRO A 244 -17.74 17.01 23.45
C PRO A 244 -17.22 18.23 22.71
N ALA A 245 -17.28 19.42 23.33
CA ALA A 245 -16.83 20.63 22.66
C ALA A 245 -15.34 20.60 22.35
N LYS A 246 -14.56 19.81 23.09
CA LYS A 246 -13.14 19.70 22.80
C LYS A 246 -12.85 18.83 21.58
N LEU A 247 -13.80 17.97 21.19
CA LEU A 247 -13.65 17.18 19.98
C LEU A 247 -14.10 17.97 18.76
N THR A 248 -13.40 17.79 17.65
CA THR A 248 -13.71 18.54 16.44
C THR A 248 -14.87 17.88 15.70
N SER A 249 -15.40 18.61 14.71
CA SER A 249 -16.56 18.15 13.97
C SER A 249 -16.53 18.77 12.58
N GLY A 250 -17.31 18.18 11.68
CA GLY A 250 -17.41 18.66 10.33
C GLY A 250 -17.67 17.52 9.35
N PRO A 251 -17.86 17.87 8.07
CA PRO A 251 -18.11 16.83 7.06
C PRO A 251 -16.90 15.95 6.80
N HIS A 252 -15.71 16.39 7.19
CA HIS A 252 -14.47 15.63 7.03
C HIS A 252 -14.13 14.82 8.28
N ILE A 253 -15.01 14.80 9.27
CA ILE A 253 -14.76 14.15 10.56
C ILE A 253 -15.67 12.95 10.68
N VAL A 254 -15.09 11.79 10.95
CA VAL A 254 -15.83 10.61 11.38
C VAL A 254 -15.30 10.22 12.76
N GLY A 255 -16.21 9.82 13.65
CA GLY A 255 -15.77 9.45 14.97
C GLY A 255 -15.29 10.63 15.81
N ASN A 256 -14.46 10.32 16.79
CA ASN A 256 -13.91 11.30 17.72
C ASN A 256 -12.52 11.70 17.25
N VAL A 257 -12.32 13.00 17.00
CA VAL A 257 -11.04 13.54 16.55
C VAL A 257 -10.70 14.76 17.40
N LEU A 258 -9.45 14.84 17.84
CA LEU A 258 -8.95 15.94 18.65
C LEU A 258 -7.92 16.72 17.84
N VAL A 259 -8.22 17.99 17.56
CA VAL A 259 -7.39 18.83 16.70
C VAL A 259 -6.93 20.05 17.49
N ASP A 260 -5.62 20.30 17.46
CA ASP A 260 -5.05 21.48 18.10
C ASP A 260 -5.35 22.72 17.25
N GLU A 261 -5.65 23.83 17.93
CA GLU A 261 -6.13 25.03 17.24
C GLU A 261 -5.13 25.57 16.22
N THR A 262 -3.84 25.28 16.39
CA THR A 262 -2.82 25.78 15.48
C THR A 262 -2.51 24.81 14.35
N ALA A 263 -3.34 23.79 14.15
CA ALA A 263 -3.14 22.83 13.09
C ALA A 263 -3.89 23.22 11.83
N THR A 264 -3.36 22.79 10.69
CA THR A 264 -3.94 23.08 9.38
C THR A 264 -4.56 21.80 8.82
N ILE A 265 -5.82 21.89 8.38
CA ILE A 265 -6.52 20.77 7.75
C ILE A 265 -6.89 21.19 6.34
N GLY A 266 -6.36 20.46 5.35
CA GLY A 266 -6.63 20.78 3.96
C GLY A 266 -8.02 20.36 3.52
N GLU A 267 -8.40 20.85 2.34
CA GLU A 267 -9.71 20.57 1.78
C GLU A 267 -9.78 19.13 1.28
N GLY A 268 -10.95 18.51 1.47
CA GLY A 268 -11.20 17.19 0.93
C GLY A 268 -10.62 16.03 1.70
N CYS A 269 -10.25 16.23 2.95
CA CYS A 269 -9.67 15.16 3.76
C CYS A 269 -10.77 14.30 4.37
N LEU A 270 -10.36 13.28 5.12
CA LEU A 270 -11.29 12.43 5.87
C LEU A 270 -10.53 11.92 7.09
N ILE A 271 -10.77 12.55 8.23
CA ILE A 271 -10.05 12.27 9.47
C ILE A 271 -10.98 11.52 10.41
N GLY A 272 -10.54 10.35 10.86
CA GLY A 272 -11.30 9.59 11.83
C GLY A 272 -11.55 8.16 11.42
N PRO A 273 -11.92 7.31 12.40
CA PRO A 273 -12.12 7.70 13.80
C PRO A 273 -10.84 7.68 14.64
N ASP A 274 -10.89 8.29 15.83
CA ASP A 274 -9.84 8.18 16.84
C ASP A 274 -8.50 8.73 16.33
N VAL A 275 -8.48 10.03 16.04
CA VAL A 275 -7.29 10.72 15.56
C VAL A 275 -7.00 11.91 16.46
N ALA A 276 -5.71 12.09 16.77
CA ALA A 276 -5.23 13.24 17.53
C ALA A 276 -4.19 13.96 16.69
N ILE A 277 -4.47 15.21 16.35
CA ILE A 277 -3.58 16.03 15.53
C ILE A 277 -3.03 17.14 16.40
N GLY A 278 -1.70 17.24 16.46
CA GLY A 278 -1.04 18.15 17.37
C GLY A 278 -0.85 19.55 16.84
N PRO A 279 -0.23 20.40 17.65
CA PRO A 279 -0.02 21.80 17.24
C PRO A 279 1.00 21.90 16.12
N GLY A 280 0.73 22.82 15.19
CA GLY A 280 1.62 23.07 14.08
C GLY A 280 1.62 22.01 13.00
N CYS A 281 0.63 21.13 12.97
CA CYS A 281 0.57 20.10 11.94
C CYS A 281 -0.04 20.63 10.66
N ILE A 282 0.56 20.25 9.53
CA ILE A 282 0.03 20.60 8.21
C ILE A 282 -0.45 19.31 7.56
N VAL A 283 -1.76 19.12 7.57
CA VAL A 283 -2.39 18.02 6.84
C VAL A 283 -2.91 18.62 5.54
N GLU A 284 -2.28 18.26 4.43
CA GLU A 284 -2.62 18.83 3.13
C GLU A 284 -3.92 18.24 2.63
N SER A 285 -4.25 18.51 1.37
CA SER A 285 -5.56 18.18 0.83
C SER A 285 -5.70 16.69 0.55
N GLY A 286 -6.89 16.15 0.82
CA GLY A 286 -7.21 14.79 0.43
C GLY A 286 -6.52 13.71 1.23
N VAL A 287 -6.20 13.97 2.49
CA VAL A 287 -5.46 13.02 3.32
C VAL A 287 -6.46 12.17 4.10
N ARG A 288 -6.22 10.85 4.12
CA ARG A 288 -7.01 9.92 4.91
C ARG A 288 -6.25 9.58 6.18
N LEU A 289 -6.88 9.86 7.33
CA LEU A 289 -6.29 9.56 8.63
C LEU A 289 -7.32 8.84 9.49
N SER A 290 -6.89 7.77 10.15
CA SER A 290 -7.75 7.04 11.07
C SER A 290 -6.89 6.35 12.11
N ARG A 291 -7.37 6.36 13.36
CA ARG A 291 -6.76 5.60 14.45
C ARG A 291 -5.28 5.88 14.57
N CYS A 292 -4.88 7.13 14.34
CA CYS A 292 -3.49 7.51 14.34
C CYS A 292 -3.29 8.77 15.17
N THR A 293 -2.04 8.99 15.56
CA THR A 293 -1.63 10.18 16.29
C THR A 293 -0.60 10.92 15.46
N VAL A 294 -0.85 12.21 15.22
CA VAL A 294 0.07 13.08 14.49
C VAL A 294 0.59 14.11 15.49
N MET A 295 1.88 14.04 15.79
CA MET A 295 2.45 14.82 16.89
C MET A 295 2.83 16.22 16.42
N ARG A 296 3.57 16.95 17.25
CA ARG A 296 3.79 18.38 17.02
C ARG A 296 4.59 18.62 15.75
N GLY A 297 4.00 19.32 14.79
CA GLY A 297 4.73 19.84 13.66
C GLY A 297 4.98 18.91 12.49
N VAL A 298 4.21 17.82 12.36
CA VAL A 298 4.43 16.93 11.23
C VAL A 298 3.53 17.34 10.09
N ARG A 299 4.01 17.11 8.87
CA ARG A 299 3.28 17.43 7.65
C ARG A 299 2.87 16.14 6.94
N ILE A 300 1.59 16.04 6.61
CA ILE A 300 1.07 14.91 5.83
C ILE A 300 0.71 15.46 4.45
N LYS A 301 1.53 15.15 3.45
CA LYS A 301 1.31 15.70 2.12
C LYS A 301 0.09 15.05 1.47
N LYS A 302 -0.28 15.58 0.30
CA LYS A 302 -1.59 15.30 -0.29
C LYS A 302 -1.77 13.83 -0.62
N HIS A 303 -3.02 13.37 -0.47
CA HIS A 303 -3.53 12.06 -0.90
C HIS A 303 -2.95 10.89 -0.13
N ALA A 304 -2.16 11.14 0.91
CA ALA A 304 -1.63 10.06 1.74
C ALA A 304 -2.74 9.47 2.61
N CYS A 305 -2.59 8.19 2.94
CA CYS A 305 -3.50 7.49 3.82
C CYS A 305 -2.71 6.90 4.99
N ILE A 306 -3.14 7.20 6.21
CA ILE A 306 -2.48 6.73 7.43
C ILE A 306 -3.53 6.07 8.31
N SER A 307 -3.21 4.89 8.83
CA SER A 307 -4.08 4.18 9.76
C SER A 307 -3.22 3.52 10.82
N SER A 308 -3.77 3.44 12.03
CA SER A 308 -3.16 2.72 13.15
C SER A 308 -1.65 2.92 13.21
N SER A 309 -1.25 4.18 13.37
CA SER A 309 0.16 4.51 13.35
C SER A 309 0.38 5.73 14.24
N ILE A 310 1.66 6.00 14.52
CA ILE A 310 2.09 7.15 15.31
C ILE A 310 3.20 7.85 14.53
N ILE A 311 2.98 9.11 14.20
CA ILE A 311 3.93 9.90 13.43
C ILE A 311 4.65 10.84 14.38
N GLY A 312 5.97 10.63 14.53
CA GLY A 312 6.75 11.39 15.47
C GLY A 312 6.87 12.86 15.10
N TRP A 313 7.37 13.63 16.07
CA TRP A 313 7.43 15.08 15.95
C TRP A 313 8.19 15.51 14.70
N HIS A 314 7.62 16.50 13.99
CA HIS A 314 8.28 17.14 12.84
C HIS A 314 8.61 16.15 11.72
N SER A 315 7.84 15.08 11.60
CA SER A 315 8.04 14.13 10.51
C SER A 315 7.25 14.56 9.29
N THR A 316 7.57 13.96 8.14
CA THR A 316 6.95 14.35 6.88
C THR A 316 6.59 13.10 6.09
N VAL A 317 5.30 12.91 5.85
CA VAL A 317 4.80 11.80 5.05
C VAL A 317 4.51 12.32 3.65
N GLY A 318 5.13 11.72 2.65
CA GLY A 318 5.02 12.19 1.28
C GLY A 318 3.65 11.91 0.67
N GLN A 319 3.48 12.41 -0.55
CA GLN A 319 2.22 12.27 -1.24
C GLN A 319 1.97 10.82 -1.65
N TRP A 320 0.71 10.39 -1.53
CA TRP A 320 0.26 9.05 -1.90
C TRP A 320 0.97 7.96 -1.12
N ALA A 321 1.56 8.30 0.02
CA ALA A 321 2.16 7.28 0.88
C ALA A 321 1.07 6.49 1.60
N ARG A 322 1.39 5.24 1.93
CA ARG A 322 0.48 4.37 2.66
C ARG A 322 1.17 3.91 3.93
N ILE A 323 0.63 4.32 5.09
CA ILE A 323 1.20 4.03 6.40
C ILE A 323 0.13 3.34 7.24
N GLU A 324 0.38 2.09 7.63
CA GLU A 324 -0.62 1.31 8.32
C GLU A 324 0.05 0.28 9.22
N ASN A 325 -0.79 -0.40 10.03
CA ASN A 325 -0.42 -1.59 10.79
C ASN A 325 0.70 -1.29 11.80
N MET A 326 0.38 -0.41 12.75
CA MET A 326 1.26 -0.10 13.89
C MET A 326 2.63 0.38 13.42
N THR A 327 2.62 1.38 12.54
CA THR A 327 3.84 2.06 12.13
C THR A 327 4.17 3.15 13.14
N ILE A 328 5.45 3.26 13.49
CA ILE A 328 5.91 4.29 14.42
C ILE A 328 7.08 5.03 13.76
N LEU A 329 6.83 6.26 13.34
CA LEU A 329 7.91 7.12 12.88
C LEU A 329 8.45 7.91 14.06
N GLY A 330 9.77 7.98 14.16
CA GLY A 330 10.41 8.78 15.18
C GLY A 330 10.34 10.25 14.82
N GLU A 331 11.17 11.03 15.50
CA GLU A 331 11.24 12.46 15.21
C GLU A 331 11.95 12.70 13.89
N ASP A 332 11.41 13.62 13.10
CA ASP A 332 12.09 14.16 11.92
C ASP A 332 12.32 13.08 10.85
N VAL A 333 11.36 12.19 10.71
CA VAL A 333 11.41 11.15 9.67
C VAL A 333 10.72 11.69 8.41
N HIS A 334 11.38 11.53 7.27
CA HIS A 334 10.88 12.02 5.99
C HIS A 334 10.59 10.83 5.09
N VAL A 335 9.33 10.44 5.02
CA VAL A 335 8.88 9.38 4.13
C VAL A 335 8.59 9.99 2.77
N SER A 336 9.21 9.43 1.72
CA SER A 336 9.05 9.97 0.38
C SER A 336 7.67 9.63 -0.16
N ASP A 337 7.38 10.13 -1.36
CA ASP A 337 6.08 9.91 -1.98
C ASP A 337 5.87 8.44 -2.32
N GLU A 338 4.60 8.02 -2.25
CA GLU A 338 4.14 6.70 -2.67
C GLU A 338 4.72 5.56 -1.86
N ILE A 339 5.48 5.86 -0.80
CA ILE A 339 6.09 4.82 0.01
C ILE A 339 5.02 4.08 0.80
N TYR A 340 5.20 2.77 0.96
CA TYR A 340 4.28 1.92 1.68
C TYR A 340 4.97 1.38 2.93
N SER A 341 4.39 1.64 4.09
CA SER A 341 4.92 1.17 5.37
C SER A 341 3.92 0.22 6.00
N ASN A 342 4.34 -1.04 6.17
CA ASN A 342 3.53 -2.07 6.82
C ASN A 342 4.19 -2.39 8.15
N GLY A 343 3.94 -1.55 9.15
CA GLY A 343 4.54 -1.74 10.45
C GLY A 343 5.98 -1.31 10.55
N GLY A 344 6.38 -0.25 9.85
CA GLY A 344 7.75 0.21 9.90
C GLY A 344 8.04 0.95 11.19
N VAL A 345 9.24 0.71 11.73
CA VAL A 345 9.72 1.38 12.94
C VAL A 345 10.99 2.12 12.56
N VAL A 346 10.88 3.42 12.32
CA VAL A 346 11.95 4.22 11.74
C VAL A 346 12.60 5.07 12.82
N LEU A 347 13.92 4.94 12.95
CA LEU A 347 14.68 5.73 13.90
C LEU A 347 14.59 7.22 13.56
N PRO A 348 14.85 8.09 14.53
CA PRO A 348 14.71 9.54 14.29
C PRO A 348 15.67 10.05 13.22
N HIS A 349 15.25 11.13 12.55
CA HIS A 349 16.03 11.86 11.55
C HIS A 349 16.31 11.06 10.29
N LYS A 350 15.63 9.93 10.10
CA LYS A 350 15.90 9.07 8.96
C LYS A 350 15.10 9.52 7.74
N GLU A 351 15.56 9.10 6.56
CA GLU A 351 14.85 9.33 5.30
C GLU A 351 14.43 7.99 4.73
N ILE A 352 13.12 7.78 4.62
CA ILE A 352 12.57 6.53 4.09
C ILE A 352 12.34 6.70 2.60
N LYS A 353 13.20 6.08 1.79
CA LYS A 353 13.14 6.17 0.34
C LYS A 353 12.53 4.94 -0.32
N SER A 354 12.39 3.83 0.41
CA SER A 354 11.82 2.60 -0.13
C SER A 354 10.83 2.02 0.87
N ASN A 355 10.03 1.07 0.40
CA ASN A 355 9.02 0.45 1.25
C ASN A 355 9.68 -0.28 2.42
N ILE A 356 8.97 -0.32 3.55
CA ILE A 356 9.45 -0.95 4.76
C ILE A 356 8.32 -1.75 5.41
N LEU A 357 8.69 -2.82 6.10
CA LEU A 357 7.71 -3.64 6.79
C LEU A 357 8.05 -3.76 8.27
N LYS A 358 7.62 -4.85 8.91
CA LYS A 358 7.84 -5.01 10.35
C LYS A 358 9.29 -5.39 10.61
N PRO A 359 10.02 -4.65 11.46
CA PRO A 359 11.39 -4.99 11.86
C PRO A 359 11.43 -6.22 12.78
N MET B 3 -4.59 -7.87 -52.99
CA MET B 3 -3.63 -8.49 -52.08
C MET B 3 -4.31 -8.92 -50.77
N LYS B 4 -4.03 -10.14 -50.35
CA LYS B 4 -4.62 -10.71 -49.16
C LYS B 4 -3.58 -10.88 -48.06
N ALA B 5 -4.06 -11.11 -46.85
CA ALA B 5 -3.19 -11.28 -45.69
C ALA B 5 -3.89 -12.14 -44.65
N LEU B 6 -3.12 -13.03 -44.03
CA LEU B 6 -3.61 -13.89 -42.95
C LEU B 6 -3.02 -13.43 -41.63
N ILE B 7 -3.79 -13.57 -40.56
CA ILE B 7 -3.36 -13.24 -39.21
C ILE B 7 -3.53 -14.48 -38.34
N LEU B 8 -2.41 -15.04 -37.89
CA LEU B 8 -2.41 -16.26 -37.07
C LEU B 8 -2.87 -15.90 -35.67
N VAL B 9 -4.16 -16.12 -35.38
CA VAL B 9 -4.72 -15.76 -34.08
C VAL B 9 -4.51 -16.90 -33.09
N GLY B 10 -5.11 -18.06 -33.36
CA GLY B 10 -5.02 -19.17 -32.44
C GLY B 10 -6.27 -19.33 -31.61
N GLY B 11 -6.13 -19.22 -30.29
CA GLY B 11 -7.22 -19.45 -29.38
C GLY B 11 -7.75 -18.17 -28.75
N PHE B 12 -8.61 -18.37 -27.74
CA PHE B 12 -9.17 -17.25 -27.00
C PHE B 12 -8.09 -16.47 -26.28
N GLY B 13 -6.99 -17.12 -25.92
CA GLY B 13 -5.93 -16.48 -25.16
C GLY B 13 -6.02 -16.81 -23.68
N THR B 14 -5.97 -18.10 -23.36
CA THR B 14 -6.12 -18.52 -21.97
C THR B 14 -5.01 -17.97 -21.08
N ARG B 15 -3.83 -17.70 -21.64
CA ARG B 15 -2.75 -17.11 -20.86
C ARG B 15 -3.01 -15.66 -20.52
N LEU B 16 -3.93 -15.00 -21.24
CA LEU B 16 -4.29 -13.61 -20.96
C LEU B 16 -5.52 -13.50 -20.08
N ARG B 17 -5.90 -14.56 -19.38
CA ARG B 17 -7.02 -14.48 -18.45
C ARG B 17 -6.67 -13.54 -17.30
N PRO B 18 -7.67 -12.91 -16.68
CA PRO B 18 -9.10 -13.03 -16.94
C PRO B 18 -9.65 -12.00 -17.94
N LEU B 19 -8.77 -11.24 -18.59
CA LEU B 19 -9.25 -10.29 -19.60
C LEU B 19 -9.92 -11.02 -20.75
N THR B 20 -9.36 -12.14 -21.18
CA THR B 20 -9.88 -12.89 -22.31
C THR B 20 -11.15 -13.65 -21.98
N LEU B 21 -11.58 -13.66 -20.72
CA LEU B 21 -12.87 -14.26 -20.38
C LEU B 21 -14.04 -13.43 -20.88
N SER B 22 -13.84 -12.13 -21.11
CA SER B 22 -14.89 -11.25 -21.62
C SER B 22 -14.86 -11.15 -23.14
N PHE B 23 -13.68 -10.91 -23.71
CA PHE B 23 -13.52 -10.77 -25.15
C PHE B 23 -12.28 -11.56 -25.59
N PRO B 24 -12.29 -12.07 -26.81
CA PRO B 24 -11.16 -12.91 -27.27
C PRO B 24 -9.87 -12.09 -27.39
N LYS B 25 -8.77 -12.84 -27.50
CA LYS B 25 -7.43 -12.25 -27.55
C LYS B 25 -7.29 -11.13 -28.57
N PRO B 26 -7.69 -11.26 -29.84
CA PRO B 26 -7.49 -10.17 -30.79
C PRO B 26 -8.35 -8.94 -30.52
N LEU B 27 -9.39 -9.06 -29.69
CA LEU B 27 -10.27 -7.94 -29.41
C LEU B 27 -9.95 -7.23 -28.09
N VAL B 28 -8.97 -7.73 -27.33
CA VAL B 28 -8.58 -7.07 -26.09
C VAL B 28 -7.98 -5.71 -26.42
N ASP B 29 -8.34 -4.70 -25.62
CA ASP B 29 -7.87 -3.35 -25.89
C ASP B 29 -6.38 -3.23 -25.57
N PHE B 30 -5.64 -2.66 -26.52
CA PHE B 30 -4.23 -2.29 -26.31
C PHE B 30 -4.03 -0.89 -26.85
N ALA B 31 -3.70 0.05 -25.97
CA ALA B 31 -3.52 1.46 -26.32
C ALA B 31 -4.79 2.02 -26.96
N ASN B 32 -5.92 1.80 -26.28
CA ASN B 32 -7.24 2.32 -26.62
C ASN B 32 -7.75 1.80 -27.96
N LYS B 33 -7.13 0.78 -28.52
CA LYS B 33 -7.60 0.10 -29.71
C LYS B 33 -7.58 -1.39 -29.47
N PRO B 34 -8.52 -2.14 -30.06
CA PRO B 34 -8.41 -3.59 -30.01
C PRO B 34 -7.11 -4.05 -30.65
N MET B 35 -6.47 -5.05 -30.02
CA MET B 35 -5.14 -5.49 -30.46
C MET B 35 -5.10 -5.73 -31.95
N ILE B 36 -6.12 -6.38 -32.50
CA ILE B 36 -6.13 -6.70 -33.92
C ILE B 36 -6.21 -5.43 -34.79
N LEU B 37 -6.73 -4.33 -34.26
CA LEU B 37 -6.87 -3.13 -35.07
C LEU B 37 -5.52 -2.55 -35.45
N HIS B 38 -4.51 -2.72 -34.60
CA HIS B 38 -3.17 -2.23 -34.94
C HIS B 38 -2.63 -2.95 -36.17
N GLN B 39 -2.86 -4.26 -36.26
CA GLN B 39 -2.35 -5.02 -37.40
C GLN B 39 -3.19 -4.79 -38.65
N ILE B 40 -4.51 -4.70 -38.50
CA ILE B 40 -5.38 -4.55 -39.66
C ILE B 40 -5.16 -3.19 -40.32
N GLU B 41 -5.03 -2.13 -39.53
CA GLU B 41 -4.79 -0.81 -40.12
C GLU B 41 -3.45 -0.78 -40.85
N ALA B 42 -2.45 -1.50 -40.35
CA ALA B 42 -1.18 -1.60 -41.05
C ALA B 42 -1.35 -2.33 -42.38
N LEU B 43 -2.08 -3.45 -42.36
CA LEU B 43 -2.36 -4.18 -43.60
C LEU B 43 -3.17 -3.35 -44.57
N LYS B 44 -4.02 -2.45 -44.06
CA LYS B 44 -4.77 -1.57 -44.94
C LYS B 44 -3.88 -0.48 -45.52
N ALA B 45 -2.80 -0.13 -44.82
CA ALA B 45 -1.91 0.92 -45.31
C ALA B 45 -1.09 0.47 -46.52
N VAL B 46 -1.02 -0.83 -46.79
CA VAL B 46 -0.24 -1.36 -47.91
C VAL B 46 -1.11 -1.87 -49.04
N GLY B 47 -2.44 -1.85 -48.88
CA GLY B 47 -3.35 -2.20 -49.96
C GLY B 47 -4.00 -3.56 -49.85
N VAL B 48 -3.89 -4.24 -48.71
CA VAL B 48 -4.54 -5.53 -48.53
C VAL B 48 -6.05 -5.31 -48.52
N ASP B 49 -6.75 -5.96 -49.45
CA ASP B 49 -8.20 -5.77 -49.57
C ASP B 49 -8.99 -6.72 -48.69
N GLU B 50 -8.40 -7.85 -48.27
CA GLU B 50 -9.12 -8.83 -47.46
C GLU B 50 -8.16 -9.43 -46.43
N VAL B 51 -8.63 -9.54 -45.19
CA VAL B 51 -7.87 -10.11 -44.10
C VAL B 51 -8.59 -11.36 -43.61
N VAL B 52 -7.85 -12.46 -43.47
CA VAL B 52 -8.38 -13.74 -43.01
C VAL B 52 -7.82 -14.03 -41.64
N LEU B 53 -8.69 -14.31 -40.68
CA LEU B 53 -8.29 -14.56 -39.30
C LEU B 53 -8.27 -16.07 -39.06
N ALA B 54 -7.09 -16.61 -38.79
CA ALA B 54 -6.91 -18.04 -38.52
C ALA B 54 -7.11 -18.26 -37.02
N ILE B 55 -8.37 -18.44 -36.63
CA ILE B 55 -8.72 -18.65 -35.24
C ILE B 55 -9.04 -20.12 -35.03
N ASN B 56 -9.13 -20.52 -33.75
CA ASN B 56 -9.54 -21.86 -33.39
C ASN B 56 -10.83 -21.89 -32.58
N TYR B 57 -11.28 -20.74 -32.09
CA TYR B 57 -12.47 -20.64 -31.25
C TYR B 57 -13.68 -20.25 -32.11
N GLN B 58 -14.77 -19.89 -31.44
CA GLN B 58 -16.05 -19.65 -32.10
C GLN B 58 -16.18 -18.18 -32.48
N PRO B 59 -16.22 -17.86 -33.78
CA PRO B 59 -16.13 -16.46 -34.21
C PRO B 59 -17.42 -15.64 -34.07
N GLU B 60 -18.46 -16.16 -33.42
CA GLU B 60 -19.69 -15.40 -33.31
C GLU B 60 -19.60 -14.29 -32.28
N VAL B 61 -18.82 -14.49 -31.21
CA VAL B 61 -18.76 -13.51 -30.12
C VAL B 61 -18.06 -12.23 -30.52
N MET B 62 -17.44 -12.17 -31.70
CA MET B 62 -16.70 -10.98 -32.12
C MET B 62 -17.16 -10.49 -33.50
N LEU B 63 -18.32 -10.94 -33.97
CA LEU B 63 -18.78 -10.55 -35.30
C LEU B 63 -19.11 -9.07 -35.36
N ASN B 64 -19.93 -8.59 -34.40
CA ASN B 64 -20.38 -7.20 -34.44
C ASN B 64 -19.21 -6.23 -34.37
N PHE B 65 -18.17 -6.59 -33.60
CA PHE B 65 -16.99 -5.74 -33.54
C PHE B 65 -16.19 -5.80 -34.82
N LEU B 66 -16.34 -6.87 -35.60
CA LEU B 66 -15.59 -6.99 -36.84
C LEU B 66 -16.27 -6.26 -37.99
N LYS B 67 -17.61 -6.24 -38.00
CA LYS B 67 -18.33 -5.52 -39.04
C LYS B 67 -18.05 -4.02 -38.99
N ASP B 68 -17.76 -3.50 -37.79
CA ASP B 68 -17.39 -2.10 -37.68
C ASP B 68 -16.00 -1.85 -38.26
N PHE B 69 -15.09 -2.82 -38.12
CA PHE B 69 -13.78 -2.69 -38.74
C PHE B 69 -13.88 -2.65 -40.25
N GLU B 70 -14.78 -3.45 -40.81
CA GLU B 70 -14.92 -3.52 -42.27
C GLU B 70 -15.42 -2.19 -42.84
N THR B 71 -16.40 -1.57 -42.19
CA THR B 71 -16.97 -0.33 -42.71
C THR B 71 -16.02 0.85 -42.49
N LYS B 72 -15.42 0.95 -41.29
CA LYS B 72 -14.56 2.09 -41.00
C LYS B 72 -13.28 2.07 -41.82
N LEU B 73 -12.78 0.88 -42.17
CA LEU B 73 -11.52 0.76 -42.88
C LEU B 73 -11.68 0.40 -44.36
N GLU B 74 -12.90 0.08 -44.81
CA GLU B 74 -13.16 -0.32 -46.18
C GLU B 74 -12.29 -1.51 -46.58
N ILE B 75 -12.56 -2.63 -45.92
CA ILE B 75 -11.77 -3.85 -46.08
C ILE B 75 -12.62 -5.02 -45.62
N LYS B 76 -12.43 -6.17 -46.25
CA LYS B 76 -13.17 -7.37 -45.91
C LYS B 76 -12.43 -8.16 -44.84
N ILE B 77 -13.14 -8.58 -43.81
CA ILE B 77 -12.62 -9.43 -42.75
C ILE B 77 -13.42 -10.71 -42.72
N THR B 78 -12.76 -11.84 -42.94
CA THR B 78 -13.38 -13.15 -42.87
C THR B 78 -12.58 -14.05 -41.94
N CYS B 79 -13.26 -15.03 -41.36
CA CYS B 79 -12.65 -15.93 -40.40
C CYS B 79 -12.38 -17.29 -41.02
N SER B 80 -11.61 -18.11 -40.31
CA SER B 80 -11.20 -19.42 -40.80
C SER B 80 -10.82 -20.27 -39.58
N GLN B 81 -11.80 -21.04 -39.09
CA GLN B 81 -11.61 -21.81 -37.87
C GLN B 81 -10.96 -23.16 -38.18
N GLU B 82 -9.98 -23.54 -37.37
CA GLU B 82 -9.37 -24.85 -37.47
C GLU B 82 -10.11 -25.84 -36.57
N THR B 83 -10.31 -27.05 -37.09
CA THR B 83 -11.02 -28.09 -36.36
C THR B 83 -10.09 -28.76 -35.34
N GLU B 84 -9.21 -29.63 -35.83
CA GLU B 84 -8.19 -30.20 -34.98
C GLU B 84 -6.94 -29.34 -35.03
N PRO B 85 -6.11 -29.39 -33.98
CA PRO B 85 -4.87 -28.59 -33.99
C PRO B 85 -3.98 -28.96 -35.18
N LEU B 86 -3.36 -27.93 -35.76
CA LEU B 86 -2.54 -28.11 -36.96
C LEU B 86 -1.18 -27.43 -36.85
N GLY B 87 -0.81 -26.94 -35.69
CA GLY B 87 0.45 -26.25 -35.53
C GLY B 87 0.40 -24.82 -36.04
N THR B 88 1.58 -24.26 -36.26
CA THR B 88 1.67 -22.87 -36.69
C THR B 88 1.55 -22.69 -38.19
N ALA B 89 1.97 -23.68 -38.97
CA ALA B 89 1.81 -23.64 -40.42
C ALA B 89 0.48 -24.19 -40.89
N GLY B 90 -0.18 -25.02 -40.06
CA GLY B 90 -1.43 -25.65 -40.42
C GLY B 90 -2.52 -24.73 -40.92
N PRO B 91 -2.86 -23.69 -40.14
CA PRO B 91 -3.92 -22.77 -40.57
C PRO B 91 -3.65 -22.06 -41.89
N LEU B 92 -2.41 -22.10 -42.40
CA LEU B 92 -2.16 -21.57 -43.73
C LEU B 92 -2.64 -22.54 -44.81
N ALA B 93 -2.52 -23.84 -44.57
CA ALA B 93 -3.06 -24.82 -45.49
C ALA B 93 -4.59 -24.82 -45.45
N LEU B 94 -5.16 -24.61 -44.26
CA LEU B 94 -6.62 -24.63 -44.13
C LEU B 94 -7.26 -23.47 -44.85
N ALA B 95 -6.58 -22.33 -44.93
CA ALA B 95 -7.09 -21.15 -45.62
C ALA B 95 -6.43 -20.95 -46.98
N ARG B 96 -5.96 -22.04 -47.60
CA ARG B 96 -5.24 -21.90 -48.86
C ARG B 96 -6.15 -21.36 -49.96
N ASP B 97 -7.43 -21.75 -49.96
CA ASP B 97 -8.35 -21.33 -51.01
C ASP B 97 -8.76 -19.86 -50.89
N LYS B 98 -8.69 -19.29 -49.69
CA LYS B 98 -9.00 -17.88 -49.50
C LYS B 98 -7.82 -16.96 -49.77
N LEU B 99 -6.60 -17.46 -49.61
CA LEU B 99 -5.42 -16.62 -49.82
C LEU B 99 -5.09 -16.47 -51.30
N LEU B 100 -5.11 -17.58 -52.04
CA LEU B 100 -4.69 -17.57 -53.44
C LEU B 100 -5.88 -17.21 -54.32
N ASP B 101 -6.06 -15.92 -54.56
CA ASP B 101 -7.12 -15.44 -55.43
C ASP B 101 -6.74 -15.49 -56.91
N GLY B 102 -5.61 -16.10 -57.24
CA GLY B 102 -5.21 -16.27 -58.62
C GLY B 102 -4.33 -15.16 -59.17
N SER B 103 -4.23 -14.02 -58.48
CA SER B 103 -3.44 -12.91 -59.00
C SER B 103 -1.95 -13.20 -58.98
N GLY B 104 -1.51 -14.21 -58.24
CA GLY B 104 -0.11 -14.55 -58.17
C GLY B 104 0.73 -13.67 -57.27
N GLU B 105 0.13 -12.68 -56.60
CA GLU B 105 0.86 -11.78 -55.71
C GLU B 105 1.08 -12.45 -54.35
N PRO B 106 2.15 -12.06 -53.64
CA PRO B 106 2.38 -12.62 -52.31
C PRO B 106 1.34 -12.13 -51.33
N PHE B 107 1.29 -12.82 -50.18
CA PHE B 107 0.34 -12.49 -49.13
C PHE B 107 1.07 -12.42 -47.80
N PHE B 108 0.56 -11.58 -46.90
CA PHE B 108 1.14 -11.38 -45.59
C PHE B 108 0.60 -12.39 -44.58
N VAL B 109 1.45 -12.76 -43.62
CA VAL B 109 1.06 -13.58 -42.49
C VAL B 109 1.58 -12.89 -41.22
N LEU B 110 0.70 -12.70 -40.24
CA LEU B 110 1.04 -12.00 -39.02
C LEU B 110 0.69 -12.86 -37.81
N ASN B 111 1.62 -12.97 -36.87
CA ASN B 111 1.31 -13.53 -35.56
C ASN B 111 0.49 -12.51 -34.77
N SER B 112 -0.70 -12.91 -34.33
CA SER B 112 -1.61 -11.98 -33.67
C SER B 112 -1.05 -11.47 -32.35
N ASP B 113 -0.16 -12.21 -31.72
CA ASP B 113 0.38 -11.87 -30.41
C ASP B 113 1.73 -11.16 -30.51
N VAL B 114 1.85 -10.22 -31.45
CA VAL B 114 3.12 -9.53 -31.71
C VAL B 114 2.81 -8.08 -32.05
N ILE B 115 3.45 -7.16 -31.33
CA ILE B 115 3.28 -5.73 -31.54
C ILE B 115 4.59 -5.16 -32.08
N SER B 116 4.49 -4.32 -33.10
CA SER B 116 5.66 -3.79 -33.78
C SER B 116 5.24 -2.54 -34.56
N GLU B 117 6.18 -1.99 -35.33
CA GLU B 117 5.93 -0.80 -36.12
C GLU B 117 5.33 -1.10 -37.49
N TYR B 118 5.36 -2.36 -37.92
CA TYR B 118 4.81 -2.84 -39.19
C TYR B 118 5.31 -2.03 -40.39
N PRO B 119 6.58 -2.16 -40.78
CA PRO B 119 7.05 -1.57 -42.03
C PRO B 119 6.75 -2.47 -43.23
N LEU B 120 5.47 -2.77 -43.42
CA LEU B 120 5.08 -3.72 -44.46
C LEU B 120 5.40 -3.20 -45.85
N LYS B 121 5.29 -1.89 -46.07
CA LYS B 121 5.60 -1.32 -47.38
C LYS B 121 7.06 -1.52 -47.73
N GLU B 122 7.96 -1.41 -46.76
CA GLU B 122 9.35 -1.72 -47.00
C GLU B 122 9.57 -3.20 -47.23
N MET B 123 8.68 -4.05 -46.71
CA MET B 123 8.82 -5.49 -46.91
C MET B 123 8.42 -5.90 -48.32
N LEU B 124 7.48 -5.17 -48.94
CA LEU B 124 7.09 -5.48 -50.31
C LEU B 124 8.27 -5.32 -51.27
N GLU B 125 8.93 -4.15 -51.22
CA GLU B 125 10.06 -3.91 -52.10
C GLU B 125 11.22 -4.85 -51.79
N PHE B 126 11.46 -5.15 -50.51
CA PHE B 126 12.48 -6.13 -50.15
C PHE B 126 12.17 -7.49 -50.75
N HIS B 127 10.94 -7.96 -50.58
CA HIS B 127 10.53 -9.26 -51.11
C HIS B 127 10.66 -9.30 -52.62
N LYS B 128 10.24 -8.24 -53.30
CA LYS B 128 10.32 -8.20 -54.76
C LYS B 128 11.76 -8.17 -55.25
N SER B 129 12.66 -7.54 -54.50
CA SER B 129 14.05 -7.39 -54.94
C SER B 129 14.72 -8.75 -55.10
N HIS B 130 14.80 -9.53 -54.01
CA HIS B 130 15.48 -10.80 -54.10
C HIS B 130 14.67 -11.86 -54.84
N GLY B 131 13.39 -11.61 -55.11
CA GLY B 131 12.56 -12.52 -55.86
C GLY B 131 12.41 -13.90 -55.25
N GLY B 132 12.82 -14.03 -53.99
CA GLY B 132 12.76 -15.30 -53.30
C GLY B 132 11.35 -15.68 -52.93
N GLU B 133 11.21 -16.96 -52.58
CA GLU B 133 9.88 -17.53 -52.34
C GLU B 133 9.20 -16.91 -51.13
N ALA B 134 9.97 -16.60 -50.08
CA ALA B 134 9.37 -16.10 -48.86
C ALA B 134 10.36 -15.19 -48.14
N SER B 135 9.82 -14.24 -47.38
CA SER B 135 10.63 -13.36 -46.55
C SER B 135 9.92 -13.17 -45.20
N ILE B 136 10.73 -13.03 -44.16
CA ILE B 136 10.23 -12.88 -42.80
C ILE B 136 10.90 -11.68 -42.15
N MET B 137 10.17 -11.02 -41.26
CA MET B 137 10.75 -9.95 -40.45
C MET B 137 11.56 -10.55 -39.30
N VAL B 138 12.70 -9.94 -39.03
CA VAL B 138 13.63 -10.44 -38.02
C VAL B 138 13.89 -9.32 -37.03
N THR B 139 13.94 -9.67 -35.74
CA THR B 139 14.14 -8.71 -34.68
C THR B 139 15.28 -9.15 -33.77
N LYS B 140 15.88 -8.18 -33.08
CA LYS B 140 17.00 -8.43 -32.19
C LYS B 140 16.50 -8.64 -30.77
N VAL B 141 17.10 -9.61 -30.07
CA VAL B 141 16.72 -9.96 -28.72
C VAL B 141 17.97 -10.05 -27.84
N ASP B 142 17.75 -9.90 -26.53
CA ASP B 142 18.85 -9.89 -25.56
C ASP B 142 19.27 -11.28 -25.12
N GLU B 143 18.34 -12.24 -25.10
CA GLU B 143 18.62 -13.63 -24.72
C GLU B 143 18.34 -14.52 -25.92
N PRO B 144 19.25 -14.57 -26.89
CA PRO B 144 19.04 -15.47 -28.04
C PRO B 144 19.10 -16.93 -27.68
N SER B 145 19.67 -17.28 -26.52
CA SER B 145 19.72 -18.68 -26.10
C SER B 145 18.34 -19.26 -25.80
N LYS B 146 17.32 -18.40 -25.65
CA LYS B 146 15.97 -18.87 -25.35
C LYS B 146 15.13 -19.13 -26.59
N TYR B 147 15.48 -18.52 -27.72
CA TYR B 147 14.69 -18.61 -28.94
C TYR B 147 15.41 -19.44 -30.00
N GLY B 148 14.75 -19.62 -31.14
CA GLY B 148 15.37 -20.18 -32.31
C GLY B 148 15.95 -19.06 -33.17
N VAL B 149 17.28 -18.96 -33.19
CA VAL B 149 17.94 -17.81 -33.78
C VAL B 149 18.09 -18.01 -35.28
N VAL B 150 17.91 -16.93 -36.04
CA VAL B 150 18.04 -16.95 -37.49
C VAL B 150 19.49 -16.66 -37.87
N VAL B 151 20.05 -17.47 -38.75
CA VAL B 151 21.39 -17.29 -39.29
C VAL B 151 21.26 -16.96 -40.77
N MET B 152 21.90 -15.87 -41.20
CA MET B 152 21.65 -15.32 -42.52
C MET B 152 22.89 -14.59 -43.03
N GLU B 153 23.07 -14.58 -44.35
CA GLU B 153 24.11 -13.80 -44.99
C GLU B 153 23.63 -12.35 -45.11
N GLU B 154 24.38 -11.41 -44.52
CA GLU B 154 23.93 -10.03 -44.44
C GLU B 154 23.84 -9.38 -45.81
N SER B 155 24.67 -9.81 -46.77
CA SER B 155 24.69 -9.17 -48.08
C SER B 155 23.36 -9.34 -48.80
N THR B 156 22.73 -10.50 -48.67
CA THR B 156 21.47 -10.79 -49.34
C THR B 156 20.27 -10.83 -48.40
N GLY B 157 20.46 -11.21 -47.15
CA GLY B 157 19.36 -11.52 -46.28
C GLY B 157 18.85 -12.94 -46.40
N ARG B 158 19.47 -13.75 -47.24
CA ARG B 158 19.05 -15.14 -47.39
C ARG B 158 19.28 -15.90 -46.10
N VAL B 159 18.24 -16.58 -45.62
CA VAL B 159 18.34 -17.37 -44.40
C VAL B 159 19.10 -18.65 -44.71
N GLU B 160 20.19 -18.89 -43.97
CA GLU B 160 21.00 -20.09 -44.18
C GLU B 160 20.51 -21.25 -43.32
N LYS B 161 20.31 -21.01 -42.03
CA LYS B 161 20.00 -22.09 -41.09
C LYS B 161 19.28 -21.51 -39.88
N PHE B 162 18.45 -22.35 -39.26
CA PHE B 162 17.86 -22.05 -37.95
C PHE B 162 18.57 -22.85 -36.87
N VAL B 163 18.80 -22.23 -35.73
CA VAL B 163 19.45 -22.86 -34.59
C VAL B 163 18.53 -22.74 -33.39
N GLU B 164 18.02 -23.88 -32.92
CA GLU B 164 17.05 -23.91 -31.83
C GLU B 164 17.78 -23.87 -30.50
N LYS B 165 17.53 -22.80 -29.73
CA LYS B 165 18.16 -22.56 -28.44
C LYS B 165 19.68 -22.71 -28.53
N PRO B 166 20.37 -21.78 -29.19
CA PRO B 166 21.82 -21.94 -29.40
C PRO B 166 22.59 -21.62 -28.12
N LYS B 167 23.34 -22.61 -27.62
CA LYS B 167 24.24 -22.37 -26.51
C LYS B 167 25.43 -21.54 -26.94
N LEU B 168 26.01 -21.85 -28.10
CA LEU B 168 27.07 -21.03 -28.67
C LEU B 168 26.47 -19.82 -29.38
N TYR B 169 26.94 -18.64 -29.01
CA TYR B 169 26.36 -17.41 -29.55
C TYR B 169 26.65 -17.30 -31.04
N VAL B 170 25.60 -17.32 -31.85
CA VAL B 170 25.72 -17.17 -33.29
C VAL B 170 25.03 -15.93 -33.83
N GLY B 171 24.22 -15.26 -33.02
CA GLY B 171 23.52 -14.08 -33.46
C GLY B 171 22.43 -13.72 -32.48
N ASN B 172 21.86 -12.53 -32.68
CA ASN B 172 20.79 -12.04 -31.83
C ASN B 172 19.47 -11.88 -32.60
N LYS B 173 19.36 -12.46 -33.79
CA LYS B 173 18.23 -12.19 -34.68
C LYS B 173 17.33 -13.41 -34.74
N ILE B 174 16.04 -13.20 -34.42
CA ILE B 174 15.05 -14.27 -34.42
C ILE B 174 13.83 -13.82 -35.23
N ASN B 175 12.91 -14.76 -35.42
CA ASN B 175 11.70 -14.50 -36.19
C ASN B 175 10.80 -13.53 -35.45
N ALA B 176 10.35 -12.49 -36.15
CA ALA B 176 9.51 -11.46 -35.56
C ALA B 176 8.02 -11.69 -35.79
N GLY B 177 7.65 -12.73 -36.53
CA GLY B 177 6.25 -13.05 -36.72
C GLY B 177 5.54 -12.28 -37.81
N ILE B 178 6.28 -11.66 -38.72
CA ILE B 178 5.72 -10.93 -39.85
C ILE B 178 6.29 -11.53 -41.11
N TYR B 179 5.47 -12.25 -41.86
CA TYR B 179 5.92 -12.97 -43.05
C TYR B 179 5.29 -12.38 -44.31
N LEU B 180 6.03 -12.47 -45.41
CA LEU B 180 5.50 -12.14 -46.74
C LEU B 180 5.78 -13.36 -47.62
N LEU B 181 4.74 -14.16 -47.85
CA LEU B 181 4.87 -15.46 -48.51
C LEU B 181 4.28 -15.42 -49.91
N ASN B 182 4.90 -16.17 -50.81
CA ASN B 182 4.38 -16.36 -52.16
C ASN B 182 3.31 -17.46 -52.16
N PRO B 183 2.46 -17.49 -53.20
CA PRO B 183 1.53 -18.61 -53.32
C PRO B 183 2.20 -19.97 -53.36
N SER B 184 3.45 -20.06 -53.87
CA SER B 184 4.13 -21.35 -53.97
C SER B 184 4.42 -21.95 -52.60
N VAL B 185 4.47 -21.13 -51.54
CA VAL B 185 4.74 -21.66 -50.21
C VAL B 185 3.69 -22.69 -49.81
N LEU B 186 2.42 -22.43 -50.16
CA LEU B 186 1.33 -23.30 -49.76
C LEU B 186 1.37 -24.66 -50.44
N ASP B 187 2.25 -24.85 -51.42
CA ASP B 187 2.35 -26.17 -52.06
C ASP B 187 3.05 -27.18 -51.17
N LYS B 188 3.97 -26.73 -50.32
CA LYS B 188 4.71 -27.62 -49.42
C LYS B 188 4.21 -27.54 -47.98
N ILE B 189 2.92 -27.28 -47.78
CA ILE B 189 2.30 -27.29 -46.46
C ILE B 189 1.12 -28.25 -46.54
N GLU B 190 1.27 -29.43 -45.94
CA GLU B 190 0.19 -30.41 -45.92
C GLU B 190 -0.84 -30.03 -44.86
N LEU B 191 -2.08 -30.43 -45.11
CA LEU B 191 -3.14 -30.20 -44.14
C LEU B 191 -2.97 -31.16 -42.97
N ARG B 192 -1.92 -30.95 -42.18
CA ARG B 192 -1.57 -31.82 -41.06
C ARG B 192 -0.76 -30.98 -40.07
N PRO B 193 -0.73 -31.38 -38.78
CA PRO B 193 0.03 -30.60 -37.79
C PRO B 193 1.47 -30.33 -38.21
N THR B 194 1.85 -29.06 -38.30
CA THR B 194 3.20 -28.69 -38.68
C THR B 194 3.51 -27.29 -38.15
N SER B 195 4.73 -27.13 -37.64
CA SER B 195 5.19 -25.84 -37.14
C SER B 195 5.84 -25.06 -38.26
N ILE B 196 5.48 -23.77 -38.37
CA ILE B 196 6.03 -22.97 -39.46
C ILE B 196 7.44 -22.49 -39.16
N GLU B 197 7.75 -22.24 -37.89
CA GLU B 197 9.07 -21.72 -37.54
C GLU B 197 10.09 -22.82 -37.28
N LYS B 198 9.66 -24.05 -37.07
CA LYS B 198 10.57 -25.15 -36.79
C LYS B 198 10.60 -26.21 -37.87
N GLU B 199 9.75 -26.09 -38.91
CA GLU B 199 9.73 -27.08 -39.99
C GLU B 199 9.57 -26.42 -41.35
N THR B 200 8.53 -25.60 -41.52
CA THR B 200 8.23 -25.03 -42.83
C THR B 200 9.31 -24.05 -43.27
N PHE B 201 9.62 -23.07 -42.43
CA PHE B 201 10.69 -22.12 -42.77
C PHE B 201 12.05 -22.80 -42.91
N PRO B 202 12.44 -23.77 -42.08
CA PRO B 202 13.69 -24.49 -42.37
C PRO B 202 13.71 -25.14 -43.75
N LYS B 203 12.57 -25.66 -44.23
CA LYS B 203 12.52 -26.24 -45.56
C LYS B 203 12.79 -25.21 -46.64
N ILE B 204 12.10 -24.06 -46.57
CA ILE B 204 12.29 -23.02 -47.57
C ILE B 204 13.70 -22.45 -47.48
N ALA B 205 14.26 -22.36 -46.28
CA ALA B 205 15.62 -21.85 -46.12
C ALA B 205 16.65 -22.84 -46.62
N ALA B 206 16.37 -24.14 -46.53
CA ALA B 206 17.25 -25.14 -47.12
C ALA B 206 17.30 -24.98 -48.63
N ALA B 207 16.13 -24.91 -49.27
CA ALA B 207 16.01 -24.65 -50.70
C ALA B 207 16.45 -23.22 -51.09
N GLN B 208 16.99 -22.45 -50.14
CA GLN B 208 17.49 -21.09 -50.39
C GLN B 208 16.39 -20.17 -50.91
N GLY B 209 15.18 -20.34 -50.39
CA GLY B 209 14.06 -19.52 -50.80
C GLY B 209 13.56 -18.60 -49.71
N LEU B 210 14.18 -18.64 -48.55
CA LEU B 210 13.77 -17.84 -47.40
C LEU B 210 14.74 -16.69 -47.21
N TYR B 211 14.20 -15.48 -47.05
CA TYR B 211 15.00 -14.27 -46.88
C TYR B 211 14.53 -13.54 -45.63
N ALA B 212 15.46 -12.84 -44.99
CA ALA B 212 15.18 -12.17 -43.73
C ALA B 212 15.52 -10.69 -43.82
N MET B 213 14.66 -9.87 -43.23
CA MET B 213 14.84 -8.43 -43.20
C MET B 213 14.72 -7.97 -41.76
N VAL B 214 15.71 -7.20 -41.30
CA VAL B 214 15.74 -6.76 -39.90
C VAL B 214 14.61 -5.78 -39.66
N LEU B 215 13.97 -5.90 -38.50
CA LEU B 215 12.81 -5.08 -38.16
C LEU B 215 13.25 -3.80 -37.47
N PRO B 216 13.12 -2.63 -38.10
CA PRO B 216 13.43 -1.37 -37.40
C PRO B 216 12.30 -0.98 -36.45
N GLY B 217 12.61 -0.94 -35.16
CA GLY B 217 11.66 -0.49 -34.16
C GLY B 217 11.55 -1.50 -33.04
N PHE B 218 10.45 -1.38 -32.28
CA PHE B 218 10.20 -2.24 -31.14
C PHE B 218 9.50 -3.53 -31.56
N TRP B 219 9.46 -4.48 -30.62
CA TRP B 219 8.86 -5.79 -30.85
C TRP B 219 8.57 -6.43 -29.50
N MET B 220 7.40 -7.06 -29.38
CA MET B 220 6.99 -7.64 -28.12
C MET B 220 5.94 -8.71 -28.38
N ASP B 221 6.08 -9.84 -27.68
CA ASP B 221 5.04 -10.91 -27.76
C ASP B 221 4.13 -10.74 -26.55
N ILE B 222 2.86 -10.40 -26.76
CA ILE B 222 1.95 -10.11 -25.60
C ILE B 222 1.18 -11.38 -25.21
N GLY B 223 1.87 -12.50 -25.01
CA GLY B 223 1.20 -13.73 -24.57
C GLY B 223 0.89 -13.67 -23.07
N GLN B 224 1.67 -12.89 -22.32
CA GLN B 224 1.49 -12.81 -20.84
C GLN B 224 1.02 -11.40 -20.47
N PRO B 225 0.18 -11.22 -19.43
CA PRO B 225 -0.21 -9.88 -18.98
C PRO B 225 1.02 -9.12 -18.47
N ARG B 226 2.04 -9.83 -17.95
CA ARG B 226 3.27 -9.15 -17.56
C ARG B 226 3.96 -8.45 -18.72
N ASP B 227 3.54 -8.71 -19.95
CA ASP B 227 4.12 -8.06 -21.11
C ASP B 227 3.24 -6.94 -21.66
N TYR B 228 1.97 -6.88 -21.27
CA TYR B 228 1.09 -5.81 -21.72
C TYR B 228 1.59 -4.45 -21.24
N ILE B 229 2.06 -4.38 -19.99
CA ILE B 229 2.62 -3.13 -19.48
C ILE B 229 3.89 -2.77 -20.24
N THR B 230 4.76 -3.76 -20.46
CA THR B 230 6.00 -3.51 -21.16
C THR B 230 5.74 -3.08 -22.61
N GLY B 231 4.75 -3.72 -23.25
CA GLY B 231 4.47 -3.38 -24.63
C GLY B 231 3.88 -1.99 -24.79
N LEU B 232 3.03 -1.58 -23.85
CA LEU B 232 2.44 -0.25 -23.91
C LEU B 232 3.51 0.83 -23.80
N ARG B 233 4.57 0.56 -23.03
CA ARG B 233 5.70 1.48 -22.99
C ARG B 233 6.39 1.55 -24.35
N LEU B 234 6.68 0.39 -24.93
CA LEU B 234 7.37 0.37 -26.23
C LEU B 234 6.52 1.02 -27.31
N TYR B 235 5.21 0.77 -27.30
CA TYR B 235 4.34 1.39 -28.29
C TYR B 235 4.27 2.89 -28.10
N LEU B 236 4.07 3.36 -26.86
CA LEU B 236 4.03 4.78 -26.59
C LEU B 236 5.34 5.46 -26.95
N ASP B 237 6.47 4.75 -26.79
CA ASP B 237 7.74 5.27 -27.25
C ASP B 237 7.74 5.44 -28.77
N SER B 238 7.08 4.52 -29.49
CA SER B 238 7.00 4.65 -30.94
C SER B 238 6.12 5.81 -31.35
N LEU B 239 5.04 6.07 -30.60
CA LEU B 239 4.19 7.22 -30.88
C LEU B 239 4.94 8.53 -30.67
N ARG B 240 5.76 8.60 -29.62
CA ARG B 240 6.52 9.83 -29.37
C ARG B 240 7.46 10.15 -30.52
N LYS B 241 8.04 9.11 -31.14
CA LYS B 241 9.00 9.31 -32.21
C LYS B 241 8.34 9.57 -33.56
N LYS B 242 7.16 9.00 -33.80
CA LYS B 242 6.49 9.07 -35.10
C LYS B 242 5.42 10.16 -35.16
N SER B 243 4.52 10.21 -34.17
CA SER B 243 3.45 11.20 -34.12
C SER B 243 3.35 11.74 -32.71
N PRO B 244 4.18 12.72 -32.36
CA PRO B 244 4.19 13.23 -30.98
C PRO B 244 2.87 13.86 -30.55
N ALA B 245 2.14 14.49 -31.47
CA ALA B 245 0.90 15.16 -31.12
C ALA B 245 -0.18 14.19 -30.64
N LYS B 246 -0.07 12.91 -31.00
CA LYS B 246 -1.05 11.92 -30.55
C LYS B 246 -1.03 11.76 -29.02
N LEU B 247 0.11 12.04 -28.39
CA LEU B 247 0.21 11.97 -26.95
C LEU B 247 -0.27 13.28 -26.32
N THR B 248 -0.73 13.18 -25.08
CA THR B 248 -1.14 14.36 -24.35
C THR B 248 -0.01 14.85 -23.45
N SER B 249 -0.09 16.14 -23.09
CA SER B 249 0.96 16.74 -22.28
C SER B 249 0.34 17.82 -21.39
N GLY B 250 1.07 18.16 -20.34
CA GLY B 250 0.63 19.14 -19.38
C GLY B 250 1.37 19.03 -18.06
N PRO B 251 1.00 19.85 -17.09
CA PRO B 251 1.65 19.79 -15.78
C PRO B 251 1.38 18.50 -15.04
N HIS B 252 0.33 17.76 -15.41
CA HIS B 252 -0.01 16.50 -14.77
C HIS B 252 0.46 15.30 -15.58
N ILE B 253 1.14 15.52 -16.69
CA ILE B 253 1.58 14.46 -17.59
C ILE B 253 3.08 14.32 -17.46
N VAL B 254 3.54 13.10 -17.18
CA VAL B 254 4.96 12.78 -17.16
C VAL B 254 5.18 11.60 -18.09
N GLY B 255 6.29 11.64 -18.82
CA GLY B 255 6.55 10.59 -19.79
C GLY B 255 5.53 10.61 -20.91
N ASN B 256 5.16 9.41 -21.38
CA ASN B 256 4.22 9.25 -22.48
C ASN B 256 2.89 8.77 -21.94
N VAL B 257 1.82 9.50 -22.24
CA VAL B 257 0.48 9.19 -21.80
C VAL B 257 -0.47 9.36 -22.98
N LEU B 258 -1.38 8.39 -23.16
CA LEU B 258 -2.33 8.39 -24.26
C LEU B 258 -3.73 8.40 -23.68
N VAL B 259 -4.50 9.45 -23.98
CA VAL B 259 -5.84 9.64 -23.42
C VAL B 259 -6.84 9.70 -24.58
N ASP B 260 -8.01 9.09 -24.36
CA ASP B 260 -9.09 9.16 -25.32
C ASP B 260 -9.85 10.47 -25.16
N GLU B 261 -10.32 11.02 -26.29
CA GLU B 261 -10.96 12.33 -26.26
C GLU B 261 -12.25 12.35 -25.44
N THR B 262 -12.76 11.18 -25.03
CA THR B 262 -13.95 11.11 -24.19
C THR B 262 -13.64 10.78 -22.75
N ALA B 263 -12.36 10.75 -22.38
CA ALA B 263 -11.95 10.46 -21.01
C ALA B 263 -11.96 11.73 -20.16
N THR B 264 -12.18 11.55 -18.86
CA THR B 264 -12.25 12.65 -17.91
C THR B 264 -11.10 12.54 -16.92
N ILE B 265 -10.35 13.63 -16.77
CA ILE B 265 -9.24 13.72 -15.83
C ILE B 265 -9.58 14.77 -14.79
N GLY B 266 -9.63 14.38 -13.52
CA GLY B 266 -9.83 15.34 -12.46
C GLY B 266 -8.60 16.20 -12.25
N GLU B 267 -8.81 17.29 -11.50
CA GLU B 267 -7.74 18.23 -11.24
C GLU B 267 -6.72 17.65 -10.28
N GLY B 268 -5.47 18.08 -10.43
CA GLY B 268 -4.42 17.67 -9.52
C GLY B 268 -4.03 16.21 -9.60
N CYS B 269 -4.14 15.60 -10.77
CA CYS B 269 -3.67 14.23 -10.95
C CYS B 269 -2.20 14.22 -11.35
N LEU B 270 -1.63 13.02 -11.43
CA LEU B 270 -0.26 12.83 -11.89
C LEU B 270 -0.23 11.53 -12.69
N ILE B 271 -0.36 11.66 -14.01
CA ILE B 271 -0.51 10.52 -14.91
C ILE B 271 0.78 10.36 -15.70
N GLY B 272 1.47 9.24 -15.51
CA GLY B 272 2.65 8.93 -16.28
C GLY B 272 3.79 8.43 -15.44
N PRO B 273 4.77 7.75 -16.08
CA PRO B 273 4.80 7.50 -17.52
C PRO B 273 4.09 6.20 -17.94
N ASP B 274 3.85 6.06 -19.25
CA ASP B 274 3.36 4.82 -19.86
C ASP B 274 1.95 4.47 -19.37
N VAL B 275 1.00 5.36 -19.67
CA VAL B 275 -0.38 5.19 -19.25
C VAL B 275 -1.31 5.34 -20.45
N ALA B 276 -2.29 4.45 -20.54
CA ALA B 276 -3.33 4.51 -21.57
C ALA B 276 -4.68 4.59 -20.88
N ILE B 277 -5.44 5.63 -21.19
CA ILE B 277 -6.76 5.86 -20.60
C ILE B 277 -7.78 5.76 -21.73
N GLY B 278 -8.63 4.73 -21.67
CA GLY B 278 -9.55 4.43 -22.76
C GLY B 278 -10.75 5.34 -22.76
N PRO B 279 -11.66 5.09 -23.69
CA PRO B 279 -12.84 5.94 -23.82
C PRO B 279 -13.85 5.70 -22.71
N GLY B 280 -14.59 6.76 -22.38
CA GLY B 280 -15.56 6.70 -21.31
C GLY B 280 -14.98 6.64 -19.92
N CYS B 281 -13.69 6.89 -19.75
CA CYS B 281 -13.05 6.77 -18.46
C CYS B 281 -13.24 8.03 -17.63
N ILE B 282 -13.37 7.83 -16.32
CA ILE B 282 -13.53 8.93 -15.37
C ILE B 282 -12.41 8.77 -14.34
N VAL B 283 -11.30 9.47 -14.57
CA VAL B 283 -10.22 9.55 -13.60
C VAL B 283 -10.52 10.75 -12.70
N GLU B 284 -10.95 10.49 -11.47
CA GLU B 284 -11.29 11.56 -10.56
C GLU B 284 -10.03 12.30 -10.10
N SER B 285 -10.23 13.30 -9.24
CA SER B 285 -9.14 14.20 -8.90
C SER B 285 -8.15 13.55 -7.94
N GLY B 286 -6.89 13.97 -8.04
CA GLY B 286 -5.86 13.48 -7.15
C GLY B 286 -5.49 12.03 -7.33
N VAL B 287 -5.61 11.50 -8.53
CA VAL B 287 -5.29 10.11 -8.83
C VAL B 287 -3.86 10.04 -9.35
N ARG B 288 -3.12 9.04 -8.89
CA ARG B 288 -1.77 8.76 -9.36
C ARG B 288 -1.82 7.51 -10.23
N LEU B 289 -1.60 7.68 -11.53
CA LEU B 289 -1.56 6.59 -12.49
C LEU B 289 -0.16 6.49 -13.07
N SER B 290 0.41 5.29 -13.06
CA SER B 290 1.77 5.09 -13.56
C SER B 290 1.89 3.72 -14.19
N ARG B 291 2.44 3.68 -15.41
CA ARG B 291 2.82 2.42 -16.06
C ARG B 291 1.65 1.44 -16.13
N CYS B 292 0.44 1.95 -16.33
CA CYS B 292 -0.75 1.12 -16.26
C CYS B 292 -1.65 1.37 -17.47
N THR B 293 -2.70 0.57 -17.56
CA THR B 293 -3.68 0.65 -18.65
C THR B 293 -5.07 0.68 -18.04
N VAL B 294 -5.80 1.75 -18.31
CA VAL B 294 -7.17 1.93 -17.84
C VAL B 294 -8.08 1.73 -19.04
N MET B 295 -8.79 0.60 -19.08
CA MET B 295 -9.54 0.20 -20.27
C MET B 295 -10.85 0.98 -20.35
N ARG B 296 -11.76 0.53 -21.21
CA ARG B 296 -12.96 1.30 -21.54
C ARG B 296 -13.88 1.45 -20.34
N GLY B 297 -14.17 2.69 -19.96
CA GLY B 297 -15.26 2.97 -19.05
C GLY B 297 -15.02 2.62 -17.59
N VAL B 298 -13.78 2.64 -17.13
CA VAL B 298 -13.49 2.41 -15.72
C VAL B 298 -13.29 3.75 -15.02
N ARG B 299 -13.78 3.84 -13.79
CA ARG B 299 -13.63 5.03 -12.96
C ARG B 299 -12.58 4.78 -11.89
N ILE B 300 -11.61 5.67 -11.80
CA ILE B 300 -10.65 5.67 -10.71
C ILE B 300 -11.02 6.81 -9.77
N LYS B 301 -11.52 6.47 -8.58
CA LYS B 301 -11.99 7.46 -7.65
C LYS B 301 -10.83 8.25 -7.05
N LYS B 302 -11.17 9.29 -6.28
CA LYS B 302 -10.18 10.24 -5.81
C LYS B 302 -9.13 9.58 -4.92
N HIS B 303 -7.89 10.06 -5.05
CA HIS B 303 -6.75 9.75 -4.19
C HIS B 303 -6.19 8.34 -4.37
N ALA B 304 -6.63 7.60 -5.38
CA ALA B 304 -6.12 6.25 -5.59
C ALA B 304 -4.76 6.30 -6.28
N CYS B 305 -3.91 5.32 -5.96
CA CYS B 305 -2.60 5.17 -6.56
C CYS B 305 -2.54 3.84 -7.29
N ILE B 306 -2.27 3.89 -8.59
CA ILE B 306 -2.27 2.70 -9.44
C ILE B 306 -0.97 2.68 -10.24
N SER B 307 -0.20 1.60 -10.10
CA SER B 307 1.07 1.47 -10.80
C SER B 307 1.20 0.07 -11.38
N SER B 308 1.65 -0.01 -12.63
CA SER B 308 1.95 -1.27 -13.31
C SER B 308 0.80 -2.27 -13.18
N SER B 309 -0.33 -1.92 -13.79
CA SER B 309 -1.52 -2.73 -13.65
C SER B 309 -2.41 -2.57 -14.89
N ILE B 310 -3.33 -3.52 -15.05
CA ILE B 310 -4.29 -3.51 -16.14
C ILE B 310 -5.68 -3.60 -15.52
N ILE B 311 -6.44 -2.52 -15.65
CA ILE B 311 -7.78 -2.44 -15.08
C ILE B 311 -8.79 -2.71 -16.19
N GLY B 312 -9.57 -3.77 -16.04
CA GLY B 312 -10.47 -4.20 -17.08
C GLY B 312 -11.61 -3.23 -17.35
N TRP B 313 -12.30 -3.50 -18.43
CA TRP B 313 -13.42 -2.66 -18.88
C TRP B 313 -14.44 -2.50 -17.77
N HIS B 314 -14.89 -1.26 -17.58
CA HIS B 314 -16.02 -0.94 -16.70
C HIS B 314 -15.75 -1.33 -15.25
N SER B 315 -14.48 -1.34 -14.85
CA SER B 315 -14.13 -1.57 -13.46
C SER B 315 -14.20 -0.26 -12.67
N THR B 316 -13.95 -0.33 -11.37
CA THR B 316 -14.00 0.85 -10.52
C THR B 316 -13.07 0.65 -9.33
N VAL B 317 -12.14 1.60 -9.14
CA VAL B 317 -11.16 1.54 -8.07
C VAL B 317 -11.55 2.53 -7.00
N GLY B 318 -11.56 2.09 -5.74
CA GLY B 318 -12.02 2.91 -4.64
C GLY B 318 -11.04 4.01 -4.27
N GLN B 319 -11.50 4.87 -3.36
CA GLN B 319 -10.68 6.01 -2.93
C GLN B 319 -9.54 5.54 -2.02
N TRP B 320 -8.38 6.18 -2.18
CA TRP B 320 -7.17 5.87 -1.43
C TRP B 320 -6.72 4.41 -1.64
N ALA B 321 -7.14 3.79 -2.72
CA ALA B 321 -6.74 2.42 -3.00
C ALA B 321 -5.34 2.39 -3.58
N ARG B 322 -4.63 1.31 -3.31
CA ARG B 322 -3.25 1.12 -3.78
C ARG B 322 -3.21 -0.15 -4.62
N ILE B 323 -3.02 0.01 -5.92
CA ILE B 323 -3.00 -1.09 -6.87
C ILE B 323 -1.63 -1.09 -7.54
N GLU B 324 -0.93 -2.23 -7.45
CA GLU B 324 0.47 -2.27 -7.91
C GLU B 324 0.88 -3.72 -8.17
N ASN B 325 2.11 -3.86 -8.69
CA ASN B 325 2.79 -5.15 -8.85
C ASN B 325 2.05 -6.08 -9.82
N MET B 326 1.71 -5.55 -10.99
CA MET B 326 1.04 -6.32 -12.05
C MET B 326 -0.30 -6.87 -11.57
N THR B 327 -1.19 -5.96 -11.21
CA THR B 327 -2.56 -6.30 -10.88
C THR B 327 -3.38 -6.32 -12.16
N ILE B 328 -4.20 -7.35 -12.32
CA ILE B 328 -5.07 -7.48 -13.49
C ILE B 328 -6.50 -7.60 -12.98
N LEU B 329 -7.33 -6.62 -13.32
CA LEU B 329 -8.74 -6.61 -12.95
C LEU B 329 -9.58 -6.99 -14.16
N GLY B 330 -10.47 -7.95 -13.99
CA GLY B 330 -11.37 -8.34 -15.05
C GLY B 330 -12.41 -7.26 -15.32
N GLU B 331 -13.35 -7.61 -16.19
CA GLU B 331 -14.42 -6.69 -16.54
C GLU B 331 -15.36 -6.50 -15.36
N ASP B 332 -15.75 -5.25 -15.12
CA ASP B 332 -16.73 -4.91 -14.09
C ASP B 332 -16.24 -5.35 -12.70
N VAL B 333 -14.95 -5.20 -12.46
CA VAL B 333 -14.36 -5.48 -11.15
C VAL B 333 -14.47 -4.23 -10.30
N HIS B 334 -15.12 -4.34 -9.15
CA HIS B 334 -15.36 -3.21 -8.26
C HIS B 334 -14.48 -3.34 -7.03
N VAL B 335 -13.60 -2.37 -6.83
CA VAL B 335 -12.65 -2.34 -5.73
C VAL B 335 -13.13 -1.31 -4.71
N SER B 336 -13.25 -1.75 -3.46
CA SER B 336 -13.69 -0.85 -2.40
C SER B 336 -12.59 0.15 -2.03
N ASP B 337 -12.98 1.16 -1.26
CA ASP B 337 -12.06 2.22 -0.89
C ASP B 337 -10.94 1.69 0.00
N GLU B 338 -9.73 2.21 -0.22
CA GLU B 338 -8.56 1.94 0.60
C GLU B 338 -8.11 0.47 0.55
N ILE B 339 -8.50 -0.28 -0.47
CA ILE B 339 -8.03 -1.65 -0.62
C ILE B 339 -6.62 -1.64 -1.20
N TYR B 340 -5.80 -2.59 -0.76
CA TYR B 340 -4.44 -2.75 -1.26
C TYR B 340 -4.37 -4.01 -2.11
N SER B 341 -3.92 -3.87 -3.35
CA SER B 341 -3.76 -4.99 -4.27
C SER B 341 -2.29 -5.11 -4.63
N ASN B 342 -1.65 -6.16 -4.12
CA ASN B 342 -0.23 -6.43 -4.41
C ASN B 342 -0.13 -7.51 -5.49
N GLY B 343 -0.58 -7.14 -6.69
CA GLY B 343 -0.52 -8.05 -7.81
C GLY B 343 -1.67 -9.02 -7.90
N GLY B 344 -2.85 -8.61 -7.46
CA GLY B 344 -3.98 -9.51 -7.50
C GLY B 344 -4.48 -9.76 -8.91
N VAL B 345 -5.07 -10.94 -9.10
CA VAL B 345 -5.75 -11.30 -10.34
C VAL B 345 -7.20 -11.54 -9.97
N VAL B 346 -8.11 -10.74 -10.54
CA VAL B 346 -9.50 -10.71 -10.13
C VAL B 346 -10.37 -11.14 -11.29
N LEU B 347 -11.18 -12.18 -11.08
CA LEU B 347 -12.14 -12.60 -12.09
C LEU B 347 -13.19 -11.50 -12.31
N PRO B 348 -13.77 -11.42 -13.51
CA PRO B 348 -14.72 -10.34 -13.80
C PRO B 348 -15.92 -10.36 -12.88
N HIS B 349 -16.59 -9.20 -12.80
CA HIS B 349 -17.78 -8.90 -11.99
C HIS B 349 -17.57 -9.08 -10.48
N LYS B 350 -16.38 -9.46 -10.04
CA LYS B 350 -16.11 -9.65 -8.62
C LYS B 350 -16.08 -8.31 -7.89
N GLU B 351 -16.39 -8.36 -6.60
CA GLU B 351 -16.29 -7.20 -5.71
C GLU B 351 -15.20 -7.46 -4.69
N ILE B 352 -14.20 -6.60 -4.68
CA ILE B 352 -13.03 -6.76 -3.81
C ILE B 352 -13.19 -5.82 -2.62
N LYS B 353 -13.44 -6.40 -1.45
CA LYS B 353 -13.54 -5.65 -0.20
C LYS B 353 -12.47 -6.10 0.80
N SER B 354 -11.43 -6.78 0.33
CA SER B 354 -10.32 -7.20 1.18
C SER B 354 -9.04 -7.14 0.37
N ASN B 355 -7.92 -7.00 1.06
CA ASN B 355 -6.63 -6.93 0.40
C ASN B 355 -6.35 -8.20 -0.38
N ILE B 356 -5.63 -8.06 -1.50
CA ILE B 356 -5.35 -9.24 -2.38
C ILE B 356 -3.85 -9.27 -2.72
N LEU B 357 -3.38 -10.40 -3.29
CA LEU B 357 -1.95 -10.57 -3.63
C LEU B 357 -1.85 -11.51 -4.83
N LYS B 358 -0.64 -11.79 -5.31
CA LYS B 358 -0.47 -12.78 -6.40
C LYS B 358 -0.40 -14.19 -5.80
S SO4 C . -8.18 -0.57 19.25
O1 SO4 C . -7.89 -1.17 20.55
O2 SO4 C . -8.57 0.83 19.41
O3 SO4 C . -6.98 -0.63 18.41
O4 SO4 C . -9.27 -1.29 18.61
S SO4 D . -4.32 -1.22 9.62
O1 SO4 D . -5.75 -1.05 9.86
O2 SO4 D . -3.66 0.09 9.74
O3 SO4 D . -3.76 -2.15 10.59
O4 SO4 D . -4.10 -1.73 8.27
S SO4 E . -15.76 -12.09 39.89
O1 SO4 E . -17.05 -11.78 40.50
O2 SO4 E . -14.84 -10.98 40.11
O3 SO4 E . -15.20 -13.30 40.52
O4 SO4 E . -15.93 -12.32 38.47
S SO4 F . 9.12 0.53 29.84
O1 SO4 F . 7.83 1.21 29.74
O2 SO4 F . 10.03 1.33 30.66
O3 SO4 F . 8.93 -0.78 30.46
O4 SO4 F . 9.68 0.36 28.51
S SO4 G . 10.34 12.68 -2.26
O1 SO4 G . 9.38 12.82 -1.18
O2 SO4 G . 10.32 13.88 -3.10
O3 SO4 G . 10.00 11.51 -3.06
O4 SO4 G . 11.68 12.51 -1.70
S SO4 H . 5.13 -3.97 40.03
O1 SO4 H . 4.01 -4.85 40.32
O2 SO4 H . 5.48 -3.22 41.24
O3 SO4 H . 6.29 -4.77 39.63
O4 SO4 H . 4.78 -3.03 38.97
S SO4 I . 15.95 3.87 2.41
O1 SO4 I . 14.54 3.73 2.78
O2 SO4 I . 16.37 5.26 2.60
O3 SO4 I . 16.76 3.00 3.26
O4 SO4 I . 16.13 3.49 1.01
S SO4 J . -2.72 -20.26 39.27
O1 SO4 J . -2.03 -21.13 40.23
O2 SO4 J . -3.23 -19.07 39.95
O3 SO4 J . -3.83 -20.99 38.66
O4 SO4 J . -1.77 -19.86 38.24
S SO4 K . 9.27 19.58 4.76
O1 SO4 K . 8.01 19.42 5.48
O2 SO4 K . 9.89 20.84 5.15
O3 SO4 K . 10.18 18.47 5.08
O4 SO4 K . 9.02 19.58 3.31
S SO4 L . -19.50 20.75 26.45
O1 SO4 L . -19.99 20.19 27.70
O2 SO4 L . -19.74 22.18 26.39
O3 SO4 L . -18.06 20.49 26.33
O4 SO4 L . -20.21 20.10 25.33
S SO4 M . 9.08 -2.30 -18.34
O1 SO4 M . 7.99 -1.37 -18.62
O2 SO4 M . 9.69 -1.96 -17.04
O3 SO4 M . 8.56 -3.66 -18.28
O4 SO4 M . 10.08 -2.21 -19.40
S SO4 N . 5.22 -1.54 -8.77
O1 SO4 N . 3.93 -1.74 -9.42
O2 SO4 N . 5.01 -0.90 -7.47
O3 SO4 N . 5.87 -2.83 -8.57
O4 SO4 N . 6.05 -0.67 -9.61
S SO4 O . -17.01 1.09 -1.22
O1 SO4 O . -15.98 1.32 -0.21
O2 SO4 O . -18.08 2.06 -1.03
O3 SO4 O . -17.52 -0.27 -1.08
O4 SO4 O . -16.43 1.26 -2.55
S SO4 P . 6.13 -23.36 -32.94
O1 SO4 P . 4.82 -23.17 -32.32
O2 SO4 P . 7.14 -22.63 -32.16
O3 SO4 P . 6.45 -24.79 -32.93
O4 SO4 P . 6.11 -22.86 -34.30
S SO4 Q . -13.36 -10.23 -0.70
O1 SO4 Q . -14.57 -10.21 -1.50
O2 SO4 Q . -13.64 -9.66 0.63
O3 SO4 Q . -12.89 -11.61 -0.54
O4 SO4 Q . -12.32 -9.44 -1.36
S SO4 R . -15.72 4.59 -29.80
O1 SO4 R . -16.74 3.59 -30.10
O2 SO4 R . -15.99 5.19 -28.49
O3 SO4 R . -14.41 3.95 -29.77
O4 SO4 R . -15.73 5.63 -30.82
S SO4 S . 2.49 15.08 -35.39
O1 SO4 S . 1.54 14.11 -34.85
O2 SO4 S . 3.19 15.76 -34.30
O3 SO4 S . 1.78 16.06 -36.20
O4 SO4 S . 3.47 14.38 -36.22
#